data_7AZ0
#
_entry.id   7AZ0
#
_cell.length_a   81.086
_cell.length_b   81.645
_cell.length_c   169.631
_cell.angle_alpha   90.000
_cell.angle_beta   90.000
_cell.angle_gamma   90.000
#
_symmetry.space_group_name_H-M   'P 21 21 21'
#
loop_
_entity.id
_entity.type
_entity.pdbx_description
1 polymer 'N-glycosylase/DNA lyase'
2 non-polymer 2-cyclopropyl-~{N}-(4-iodophenyl)quinazolin-4-amine
3 non-polymer 'NICKEL (II) ION'
4 water water
#
_entity_poly.entity_id   1
_entity_poly.type   'polypeptide(L)'
_entity_poly.pdbx_seq_one_letter_code
;GSHMRHRTLSSSPALWASIPCPRSELRLDLVLASGQSFRWKEQSPAHWSGVLADQVWTLTQTEDQLYCTVYRGDDSQVSR
PTLEELETLHKYFQLDVSLAQLYSHWASVDSHFQRVAQKFQGVRLLRQDPTECLFSFICSSNNNIARITGMVERLCQAFG
PRLIQLDDVTYHGFPNLHALAGPEAETHLRKLGLGYRARYVRASAKAILEEQGGPAWLQQLRVAPYEEAHKALCTLPGVG
AKVADCICLMALDKPQAVPVDVHVWQIAHRDYGWHPKTSQAKGPSPLANKELGNFFRNLWGPYAGWAQAVLFSADLRQ
;
_entity_poly.pdbx_strand_id   AAA,BBB,CCC
#
# COMPACT_ATOMS: atom_id res chain seq x y z
N GLY A 1 11.89 -45.93 -6.25
CA GLY A 1 12.83 -44.92 -5.71
C GLY A 1 14.16 -45.53 -5.28
N SER A 2 15.10 -44.69 -4.86
CA SER A 2 16.50 -45.03 -4.49
C SER A 2 16.61 -45.25 -2.98
N HIS A 3 17.35 -46.28 -2.57
CA HIS A 3 17.70 -46.59 -1.15
C HIS A 3 18.53 -45.45 -0.53
N MET A 4 19.03 -44.49 -1.31
CA MET A 4 19.79 -43.30 -0.82
C MET A 4 18.84 -42.12 -0.60
N ARG A 5 19.04 -41.38 0.51
CA ARG A 5 18.03 -40.45 1.08
C ARG A 5 18.61 -39.04 1.15
N HIS A 6 17.75 -38.02 1.07
CA HIS A 6 18.09 -36.60 1.35
C HIS A 6 18.59 -36.49 2.78
N ARG A 7 19.77 -35.90 2.98
CA ARG A 7 20.38 -35.69 4.32
C ARG A 7 19.69 -34.52 5.02
N THR A 8 19.60 -34.59 6.34
CA THR A 8 19.30 -33.45 7.25
C THR A 8 20.49 -33.30 8.19
N LEU A 9 20.61 -32.13 8.83
CA LEU A 9 21.58 -31.86 9.91
C LEU A 9 21.06 -32.64 11.12
N SER A 10 21.93 -33.43 11.75
CA SER A 10 21.59 -34.29 12.92
C SER A 10 21.09 -35.67 12.44
N SER A 11 20.87 -35.90 11.13
CA SER A 11 20.79 -37.28 10.57
C SER A 11 22.19 -37.81 10.28
N SER A 12 23.13 -36.95 9.87
CA SER A 12 24.44 -37.34 9.30
C SER A 12 25.45 -36.21 9.43
N PRO A 13 25.64 -35.65 10.65
CA PRO A 13 26.48 -34.45 10.82
C PRO A 13 27.97 -34.64 10.50
N ALA A 14 28.40 -35.89 10.30
CA ALA A 14 29.77 -36.26 9.84
C ALA A 14 30.03 -35.69 8.45
N LEU A 15 28.99 -35.62 7.60
CA LEU A 15 29.08 -35.33 6.15
C LEU A 15 28.88 -33.84 5.85
N TRP A 16 28.59 -33.01 6.87
CA TRP A 16 28.36 -31.55 6.73
C TRP A 16 29.62 -30.77 7.11
N ALA A 17 29.95 -29.74 6.32
CA ALA A 17 30.92 -28.66 6.66
C ALA A 17 30.13 -27.36 6.86
N SER A 18 30.77 -26.34 7.42
CA SER A 18 30.12 -25.03 7.71
C SER A 18 30.99 -23.90 7.15
N ILE A 19 30.34 -22.82 6.72
CA ILE A 19 30.97 -21.52 6.38
C ILE A 19 30.43 -20.49 7.36
N PRO A 20 31.30 -19.68 8.01
CA PRO A 20 30.83 -18.62 8.91
C PRO A 20 30.05 -17.60 8.08
N CYS A 21 28.76 -17.44 8.37
CA CYS A 21 27.82 -16.60 7.57
C CYS A 21 26.60 -16.18 8.40
N PRO A 22 26.51 -14.91 8.84
CA PRO A 22 25.32 -14.43 9.55
C PRO A 22 24.06 -14.56 8.69
N ARG A 23 22.91 -14.83 9.31
CA ARG A 23 21.59 -14.91 8.63
C ARG A 23 21.23 -13.53 8.05
N SER A 24 21.87 -12.45 8.55
CA SER A 24 21.70 -11.07 8.06
C SER A 24 22.45 -10.87 6.72
N GLU A 25 23.46 -11.68 6.43
CA GLU A 25 24.25 -11.62 5.16
C GLU A 25 23.65 -12.56 4.11
N LEU A 26 22.79 -13.51 4.51
CA LEU A 26 22.18 -14.52 3.60
C LEU A 26 21.03 -15.22 4.32
N ARG A 27 19.82 -15.11 3.77
CA ARG A 27 18.65 -15.95 4.14
C ARG A 27 18.35 -16.88 2.95
N LEU A 28 18.68 -18.17 3.08
CA LEU A 28 18.46 -19.21 2.06
C LEU A 28 17.01 -19.12 1.55
N ASP A 29 16.05 -18.98 2.47
CA ASP A 29 14.60 -19.10 2.20
C ASP A 29 14.11 -17.91 1.35
N LEU A 30 14.87 -16.81 1.29
CA LEU A 30 14.53 -15.60 0.49
C LEU A 30 15.26 -15.59 -0.86
N VAL A 31 16.34 -16.36 -0.99
CA VAL A 31 17.29 -16.29 -2.15
C VAL A 31 17.12 -17.49 -3.10
N LEU A 32 16.76 -18.67 -2.60
CA LEU A 32 16.86 -19.94 -3.37
C LEU A 32 15.56 -20.26 -4.14
N ALA A 33 14.43 -19.60 -3.83
CA ALA A 33 13.15 -19.81 -4.54
C ALA A 33 12.46 -18.48 -4.85
N SER A 34 13.23 -17.40 -5.02
CA SER A 34 12.75 -16.03 -5.28
C SER A 34 12.92 -15.68 -6.78
N GLY A 35 13.10 -16.67 -7.65
CA GLY A 35 13.16 -16.50 -9.11
C GLY A 35 14.53 -16.06 -9.62
N GLN A 36 15.60 -16.37 -8.89
CA GLN A 36 17.00 -16.23 -9.38
C GLN A 36 17.41 -17.55 -10.04
N SER A 37 17.49 -18.61 -9.22
CA SER A 37 17.71 -20.02 -9.58
C SER A 37 16.38 -20.76 -9.48
N PHE A 38 16.15 -21.77 -10.31
CA PHE A 38 14.90 -22.57 -10.35
C PHE A 38 15.22 -24.04 -10.06
N ARG A 39 16.36 -24.29 -9.38
CA ARG A 39 16.95 -25.64 -9.21
C ARG A 39 17.07 -26.00 -7.72
N TRP A 40 16.54 -25.19 -6.80
CA TRP A 40 16.55 -25.48 -5.34
C TRP A 40 15.13 -25.78 -4.84
N LYS A 41 14.94 -26.89 -4.13
CA LYS A 41 13.68 -27.24 -3.43
C LYS A 41 13.99 -27.56 -1.96
N GLU A 42 13.12 -27.11 -1.06
CA GLU A 42 13.15 -27.44 0.39
C GLU A 42 12.55 -28.84 0.57
N GLN A 43 13.36 -29.90 0.42
CA GLN A 43 12.91 -31.31 0.40
C GLN A 43 12.48 -31.73 1.82
N SER A 44 13.16 -31.24 2.85
CA SER A 44 12.69 -31.26 4.26
C SER A 44 12.85 -29.86 4.85
N PRO A 45 12.10 -29.51 5.93
CA PRO A 45 12.12 -28.14 6.46
C PRO A 45 13.53 -27.61 6.76
N ALA A 46 13.83 -26.40 6.26
CA ALA A 46 15.09 -25.64 6.48
C ALA A 46 16.24 -26.25 5.67
N HIS A 47 15.97 -27.29 4.86
CA HIS A 47 17.01 -28.05 4.11
C HIS A 47 16.74 -27.91 2.61
N TRP A 48 17.61 -27.18 1.91
CA TRP A 48 17.48 -26.82 0.48
C TRP A 48 18.40 -27.71 -0.35
N SER A 49 17.83 -28.51 -1.25
CA SER A 49 18.59 -29.45 -2.14
C SER A 49 18.48 -28.97 -3.59
N GLY A 50 19.59 -29.04 -4.32
CA GLY A 50 19.67 -28.57 -5.72
C GLY A 50 21.03 -28.81 -6.33
N VAL A 51 21.17 -28.51 -7.62
CA VAL A 51 22.38 -28.85 -8.45
C VAL A 51 23.23 -27.60 -8.62
N LEU A 52 24.54 -27.74 -8.39
CA LEU A 52 25.63 -26.81 -8.81
C LEU A 52 26.67 -27.62 -9.60
N ALA A 53 26.83 -27.32 -10.89
CA ALA A 53 27.93 -27.82 -11.74
C ALA A 53 28.05 -29.34 -11.61
N ASP A 54 27.00 -30.08 -11.96
CA ASP A 54 26.97 -31.56 -12.03
C ASP A 54 27.29 -32.19 -10.66
N GLN A 55 26.91 -31.51 -9.57
CA GLN A 55 26.92 -32.06 -8.19
C GLN A 55 25.63 -31.61 -7.49
N VAL A 56 25.03 -32.49 -6.70
CA VAL A 56 23.85 -32.16 -5.85
C VAL A 56 24.38 -31.69 -4.49
N TRP A 57 23.73 -30.67 -3.92
CA TRP A 57 24.04 -30.10 -2.58
C TRP A 57 22.76 -30.10 -1.74
N THR A 58 22.90 -30.23 -0.42
CA THR A 58 21.87 -29.81 0.56
C THR A 58 22.45 -28.70 1.44
N LEU A 59 21.66 -27.65 1.67
CA LEU A 59 22.07 -26.42 2.41
C LEU A 59 21.06 -26.17 3.53
N THR A 60 21.55 -25.74 4.69
CA THR A 60 20.75 -25.29 5.85
C THR A 60 21.62 -24.31 6.65
N GLN A 61 21.01 -23.47 7.48
CA GLN A 61 21.78 -22.41 8.22
C GLN A 61 21.22 -22.23 9.63
N THR A 62 22.12 -21.90 10.56
CA THR A 62 21.82 -21.35 11.91
C THR A 62 21.94 -19.82 11.81
N GLU A 63 21.96 -19.11 12.93
CA GLU A 63 21.99 -17.63 12.98
C GLU A 63 23.36 -17.12 12.47
N ASP A 64 24.41 -17.93 12.58
CA ASP A 64 25.81 -17.48 12.33
C ASP A 64 26.54 -18.38 11.33
N GLN A 65 25.96 -19.51 10.91
CA GLN A 65 26.67 -20.54 10.11
C GLN A 65 25.83 -21.01 8.92
N LEU A 66 26.48 -21.21 7.76
CA LEU A 66 25.93 -21.89 6.55
C LEU A 66 26.47 -23.32 6.50
N TYR A 67 25.60 -24.30 6.72
CA TYR A 67 25.94 -25.75 6.72
C TYR A 67 25.61 -26.34 5.34
N CYS A 68 26.58 -27.01 4.72
CA CYS A 68 26.45 -27.62 3.37
C CYS A 68 26.95 -29.06 3.37
N THR A 69 26.26 -29.94 2.63
CA THR A 69 26.68 -31.32 2.31
C THR A 69 26.55 -31.54 0.80
N VAL A 70 27.46 -32.32 0.21
CA VAL A 70 27.53 -32.59 -1.25
C VAL A 70 27.44 -34.11 -1.49
N TYR A 71 26.66 -34.51 -2.49
CA TYR A 71 26.50 -35.91 -2.97
C TYR A 71 27.20 -36.03 -4.32
N ARG A 72 28.17 -36.94 -4.45
CA ARG A 72 28.90 -37.17 -5.74
C ARG A 72 28.31 -38.38 -6.45
N GLY A 73 28.26 -38.32 -7.80
CA GLY A 73 27.59 -39.29 -8.68
C GLY A 73 28.61 -40.24 -9.31
N ASP A 74 29.40 -40.90 -8.47
CA ASP A 74 30.50 -41.83 -8.86
C ASP A 74 30.65 -42.88 -7.76
N ASP A 75 31.62 -43.79 -7.92
CA ASP A 75 31.92 -44.90 -6.96
C ASP A 75 32.34 -44.29 -5.61
N SER A 76 33.09 -43.17 -5.61
CA SER A 76 33.72 -42.55 -4.41
C SER A 76 32.73 -42.52 -3.24
N GLN A 77 33.23 -42.79 -2.03
CA GLN A 77 32.40 -43.04 -0.82
C GLN A 77 31.90 -41.71 -0.25
N VAL A 78 30.74 -41.78 0.42
CA VAL A 78 30.06 -40.63 1.09
C VAL A 78 31.08 -39.90 1.96
N SER A 79 31.43 -38.66 1.58
CA SER A 79 32.50 -37.83 2.18
C SER A 79 31.98 -36.40 2.38
N ARG A 80 32.52 -35.68 3.38
CA ARG A 80 32.19 -34.28 3.72
C ARG A 80 32.75 -33.37 2.64
N PRO A 81 32.13 -32.19 2.35
CA PRO A 81 32.60 -31.30 1.29
C PRO A 81 34.09 -30.97 1.38
N THR A 82 34.79 -30.92 0.25
CA THR A 82 36.22 -30.53 0.20
C THR A 82 36.33 -29.02 0.39
N LEU A 83 37.54 -28.51 0.46
CA LEU A 83 37.85 -27.06 0.58
C LEU A 83 37.46 -26.36 -0.74
N GLU A 84 37.91 -26.90 -1.88
CA GLU A 84 37.66 -26.32 -3.23
C GLU A 84 36.14 -26.25 -3.47
N GLU A 85 35.38 -27.26 -3.01
CA GLU A 85 33.90 -27.34 -3.14
C GLU A 85 33.25 -26.25 -2.28
N LEU A 86 33.76 -26.04 -1.06
CA LEU A 86 33.29 -24.95 -0.15
C LEU A 86 33.56 -23.58 -0.82
N GLU A 87 34.68 -23.45 -1.53
CA GLU A 87 35.09 -22.16 -2.16
C GLU A 87 34.16 -21.82 -3.33
N THR A 88 33.71 -22.82 -4.09
CA THR A 88 32.75 -22.62 -5.22
C THR A 88 31.39 -22.21 -4.64
N LEU A 89 31.06 -22.66 -3.44
CA LEU A 89 29.81 -22.26 -2.73
C LEU A 89 29.94 -20.84 -2.20
N HIS A 90 31.13 -20.43 -1.74
CA HIS A 90 31.45 -19.05 -1.28
C HIS A 90 31.32 -18.08 -2.47
N LYS A 91 31.78 -18.49 -3.66
CA LYS A 91 31.67 -17.73 -4.93
C LYS A 91 30.20 -17.61 -5.34
N TYR A 92 29.43 -18.70 -5.24
CA TYR A 92 28.01 -18.82 -5.68
C TYR A 92 27.15 -17.80 -4.93
N PHE A 93 27.40 -17.61 -3.64
CA PHE A 93 26.66 -16.67 -2.75
C PHE A 93 27.38 -15.32 -2.67
N GLN A 94 28.46 -15.14 -3.43
CA GLN A 94 29.24 -13.87 -3.51
C GLN A 94 29.42 -13.27 -2.11
N LEU A 95 29.90 -14.08 -1.16
CA LEU A 95 29.96 -13.74 0.28
C LEU A 95 31.08 -12.74 0.56
N ASP A 96 31.99 -12.53 -0.39
CA ASP A 96 32.99 -11.41 -0.39
C ASP A 96 32.25 -10.08 -0.23
N VAL A 97 31.05 -9.96 -0.80
CA VAL A 97 30.24 -8.70 -0.80
C VAL A 97 29.51 -8.56 0.54
N SER A 98 29.74 -7.43 1.22
CA SER A 98 29.08 -7.03 2.49
C SER A 98 27.69 -6.48 2.18
N LEU A 99 26.65 -7.25 2.55
CA LEU A 99 25.23 -6.87 2.38
C LEU A 99 24.84 -5.81 3.40
N ALA A 100 25.41 -5.88 4.62
CA ALA A 100 25.20 -4.91 5.72
C ALA A 100 25.57 -3.49 5.25
N GLN A 101 26.70 -3.36 4.56
CA GLN A 101 27.22 -2.07 4.04
C GLN A 101 26.31 -1.55 2.92
N LEU A 102 25.90 -2.42 2.00
CA LEU A 102 25.02 -2.05 0.85
C LEU A 102 23.66 -1.60 1.38
N TYR A 103 23.04 -2.37 2.28
CA TYR A 103 21.73 -2.04 2.92
C TYR A 103 21.82 -0.65 3.56
N SER A 104 22.90 -0.39 4.31
CA SER A 104 23.19 0.92 4.95
C SER A 104 23.16 2.03 3.89
N HIS A 105 23.88 1.82 2.78
CA HIS A 105 24.07 2.84 1.72
C HIS A 105 22.71 3.17 1.06
N TRP A 106 21.95 2.14 0.68
CA TRP A 106 20.64 2.27 0.00
C TRP A 106 19.64 2.98 0.92
N ALA A 107 19.61 2.58 2.20
CA ALA A 107 18.73 3.17 3.24
C ALA A 107 19.04 4.66 3.43
N SER A 108 20.31 5.05 3.29
CA SER A 108 20.80 6.43 3.49
C SER A 108 20.30 7.37 2.39
N VAL A 109 20.08 6.85 1.17
CA VAL A 109 19.70 7.65 -0.04
C VAL A 109 18.24 7.39 -0.44
N ASP A 110 17.53 6.47 0.22
CA ASP A 110 16.18 6.01 -0.17
C ASP A 110 15.36 5.66 1.08
N SER A 111 14.48 6.56 1.50
CA SER A 111 13.61 6.39 2.71
C SER A 111 12.68 5.20 2.52
N HIS A 112 12.18 4.95 1.31
CA HIS A 112 11.25 3.84 1.01
C HIS A 112 11.96 2.50 1.27
N PHE A 113 13.17 2.34 0.73
CA PHE A 113 14.02 1.13 0.92
C PHE A 113 14.17 0.86 2.42
N GLN A 114 14.51 1.90 3.19
CA GLN A 114 14.78 1.82 4.66
C GLN A 114 13.58 1.16 5.38
N ARG A 115 12.35 1.57 5.05
CA ARG A 115 11.10 1.04 5.68
C ARG A 115 10.90 -0.43 5.30
N VAL A 116 11.14 -0.81 4.05
CA VAL A 116 10.77 -2.13 3.49
C VAL A 116 11.85 -3.19 3.79
N ALA A 117 13.12 -2.81 3.84
CA ALA A 117 14.27 -3.75 3.92
C ALA A 117 14.47 -4.32 5.33
N GLN A 118 13.78 -3.78 6.35
CA GLN A 118 13.93 -4.20 7.77
C GLN A 118 13.64 -5.70 7.92
N LYS A 119 12.48 -6.17 7.43
CA LYS A 119 12.02 -7.57 7.58
C LYS A 119 12.67 -8.50 6.53
N PHE A 120 13.37 -7.93 5.53
CA PHE A 120 13.90 -8.69 4.36
C PHE A 120 15.42 -8.47 4.25
N GLN A 121 16.16 -8.92 5.27
CA GLN A 121 17.64 -8.94 5.28
C GLN A 121 18.14 -10.28 4.69
N GLY A 122 19.39 -10.30 4.23
CA GLY A 122 20.05 -11.50 3.68
C GLY A 122 19.61 -11.82 2.27
N VAL A 123 19.01 -10.84 1.57
CA VAL A 123 18.67 -10.94 0.13
C VAL A 123 19.90 -10.49 -0.66
N ARG A 124 20.57 -11.43 -1.31
CA ARG A 124 21.75 -11.18 -2.17
C ARG A 124 21.53 -11.89 -3.50
N LEU A 125 22.40 -11.63 -4.48
CA LEU A 125 22.36 -12.22 -5.83
C LEU A 125 23.26 -13.46 -5.86
N LEU A 126 22.73 -14.59 -6.31
CA LEU A 126 23.55 -15.79 -6.64
C LEU A 126 24.41 -15.44 -7.84
N ARG A 127 25.61 -16.01 -7.92
CA ARG A 127 26.49 -15.95 -9.12
C ARG A 127 26.30 -17.26 -9.89
N GLN A 128 25.47 -17.22 -10.92
CA GLN A 128 25.00 -18.43 -11.64
C GLN A 128 25.94 -18.70 -12.83
N ASP A 129 26.04 -19.97 -13.22
CA ASP A 129 26.65 -20.42 -14.49
C ASP A 129 25.93 -19.69 -15.64
N PRO A 130 26.65 -18.97 -16.53
CA PRO A 130 26.01 -18.26 -17.64
C PRO A 130 25.08 -19.12 -18.50
N THR A 131 25.51 -20.33 -18.89
CA THR A 131 24.72 -21.25 -19.75
C THR A 131 23.37 -21.51 -19.10
N GLU A 132 23.38 -21.95 -17.83
CA GLU A 132 22.17 -22.29 -17.06
C GLU A 132 21.25 -21.06 -16.97
N CYS A 133 21.84 -19.91 -16.70
CA CYS A 133 21.12 -18.64 -16.47
C CYS A 133 20.45 -18.19 -17.78
N LEU A 134 21.18 -18.22 -18.89
CA LEU A 134 20.70 -17.82 -20.24
C LEU A 134 19.45 -18.64 -20.59
N PHE A 135 19.57 -19.97 -20.63
CA PHE A 135 18.51 -20.87 -21.13
C PHE A 135 17.36 -20.94 -20.11
N SER A 136 17.65 -20.74 -18.83
CA SER A 136 16.62 -20.61 -17.77
C SER A 136 15.74 -19.39 -18.08
N PHE A 137 16.35 -18.24 -18.36
CA PHE A 137 15.65 -16.93 -18.47
C PHE A 137 15.06 -16.74 -19.87
N ILE A 138 15.54 -17.50 -20.87
CA ILE A 138 14.86 -17.64 -22.20
C ILE A 138 13.48 -18.26 -21.98
N CYS A 139 13.33 -19.17 -21.00
CA CYS A 139 12.04 -19.78 -20.60
C CYS A 139 11.24 -18.85 -19.68
N SER A 140 11.70 -17.62 -19.41
CA SER A 140 11.11 -16.72 -18.41
C SER A 140 10.00 -15.83 -19.02
N SER A 141 10.04 -15.61 -20.34
CA SER A 141 9.03 -14.81 -21.10
C SER A 141 7.63 -15.37 -20.81
N ASN A 142 6.68 -14.52 -20.38
CA ASN A 142 5.24 -14.84 -20.19
C ASN A 142 5.13 -16.05 -19.26
N ASN A 143 5.75 -15.95 -18.07
CA ASN A 143 5.92 -17.11 -17.17
C ASN A 143 5.95 -16.66 -15.71
N ASN A 144 5.84 -17.62 -14.78
CA ASN A 144 5.88 -17.42 -13.31
C ASN A 144 6.92 -18.41 -12.76
N ILE A 145 7.34 -18.30 -11.49
CA ILE A 145 8.40 -19.13 -10.87
C ILE A 145 8.06 -20.63 -10.96
N ALA A 146 6.80 -21.00 -10.66
CA ALA A 146 6.35 -22.40 -10.55
C ALA A 146 6.47 -23.11 -11.92
N ARG A 147 6.01 -22.45 -12.99
CA ARG A 147 5.94 -23.03 -14.35
C ARG A 147 7.36 -23.16 -14.93
N ILE A 148 8.23 -22.17 -14.70
CA ILE A 148 9.66 -22.18 -15.17
C ILE A 148 10.40 -23.32 -14.47
N THR A 149 10.21 -23.46 -13.16
CA THR A 149 10.82 -24.54 -12.33
C THR A 149 10.52 -25.88 -12.98
N GLY A 150 9.27 -26.09 -13.42
CA GLY A 150 8.83 -27.30 -14.14
C GLY A 150 9.56 -27.48 -15.47
N MET A 151 9.57 -26.44 -16.32
CA MET A 151 10.21 -26.46 -17.66
C MET A 151 11.70 -26.80 -17.51
N VAL A 152 12.40 -26.14 -16.58
CA VAL A 152 13.86 -26.34 -16.35
C VAL A 152 14.11 -27.76 -15.87
N GLU A 153 13.28 -28.27 -14.95
CA GLU A 153 13.43 -29.64 -14.40
C GLU A 153 13.33 -30.66 -15.56
N ARG A 154 12.26 -30.55 -16.36
CA ARG A 154 11.97 -31.48 -17.49
C ARG A 154 13.08 -31.35 -18.54
N LEU A 155 13.50 -30.12 -18.85
CA LEU A 155 14.61 -29.81 -19.78
C LEU A 155 15.89 -30.53 -19.33
N CYS A 156 16.19 -30.54 -18.04
CA CYS A 156 17.44 -31.13 -17.47
C CYS A 156 17.37 -32.66 -17.52
N GLN A 157 16.20 -33.26 -17.24
CA GLN A 157 16.00 -34.74 -17.31
C GLN A 157 16.17 -35.22 -18.74
N ALA A 158 15.68 -34.44 -19.71
CA ALA A 158 15.64 -34.79 -21.15
C ALA A 158 17.05 -34.70 -21.76
N PHE A 159 17.82 -33.66 -21.42
CA PHE A 159 19.06 -33.26 -22.14
C PHE A 159 20.31 -33.31 -21.25
N GLY A 160 20.13 -33.30 -19.92
CA GLY A 160 21.25 -33.19 -18.96
C GLY A 160 21.66 -34.56 -18.45
N PRO A 161 22.94 -34.75 -18.05
CA PRO A 161 23.40 -36.03 -17.49
C PRO A 161 22.73 -36.36 -16.15
N ARG A 162 22.28 -37.61 -16.00
CA ARG A 162 21.78 -38.16 -14.71
C ARG A 162 22.96 -38.13 -13.72
N LEU A 163 22.74 -37.59 -12.52
CA LEU A 163 23.80 -37.43 -11.49
C LEU A 163 23.61 -38.48 -10.39
N ILE A 164 22.43 -38.49 -9.78
CA ILE A 164 22.13 -39.33 -8.57
C ILE A 164 20.62 -39.28 -8.33
N GLN A 165 20.10 -40.26 -7.58
CA GLN A 165 18.71 -40.28 -7.08
C GLN A 165 18.73 -40.22 -5.55
N LEU A 166 17.97 -39.28 -4.97
CA LEU A 166 17.72 -39.16 -3.51
C LEU A 166 16.20 -39.24 -3.32
N ASP A 167 15.73 -40.23 -2.54
CA ASP A 167 14.28 -40.54 -2.36
C ASP A 167 13.70 -40.73 -3.77
N ASP A 168 12.58 -40.07 -4.10
CA ASP A 168 11.94 -40.21 -5.44
C ASP A 168 12.36 -39.06 -6.37
N VAL A 169 13.48 -38.38 -6.08
CA VAL A 169 13.98 -37.22 -6.88
C VAL A 169 15.25 -37.65 -7.63
N THR A 170 15.19 -37.65 -8.97
CA THR A 170 16.36 -37.91 -9.86
C THR A 170 16.93 -36.57 -10.31
N TYR A 171 18.20 -36.32 -9.95
CA TYR A 171 18.91 -35.04 -10.19
C TYR A 171 19.73 -35.17 -11.47
N HIS A 172 19.54 -34.20 -12.38
CA HIS A 172 20.27 -34.04 -13.66
C HIS A 172 21.05 -32.72 -13.63
N GLY A 173 22.27 -32.72 -14.17
CA GLY A 173 23.06 -31.51 -14.43
C GLY A 173 22.45 -30.71 -15.55
N PHE A 174 22.76 -29.41 -15.66
CA PHE A 174 22.22 -28.53 -16.72
C PHE A 174 22.85 -28.97 -18.05
N PRO A 175 22.07 -29.02 -19.17
CA PRO A 175 22.63 -29.44 -20.44
C PRO A 175 23.73 -28.50 -20.95
N ASN A 176 24.69 -29.04 -21.69
CA ASN A 176 25.67 -28.27 -22.49
C ASN A 176 24.96 -27.84 -23.79
N LEU A 177 25.57 -26.89 -24.51
CA LEU A 177 25.03 -26.30 -25.75
C LEU A 177 24.79 -27.40 -26.79
N HIS A 178 25.72 -28.35 -26.94
CA HIS A 178 25.65 -29.44 -27.95
C HIS A 178 24.32 -30.17 -27.86
N ALA A 179 23.88 -30.50 -26.64
CA ALA A 179 22.64 -31.24 -26.34
C ALA A 179 21.41 -30.43 -26.79
N LEU A 180 21.43 -29.10 -26.59
CA LEU A 180 20.27 -28.21 -26.85
C LEU A 180 20.25 -27.78 -28.33
N ALA A 181 21.36 -28.00 -29.05
CA ALA A 181 21.55 -27.53 -30.45
C ALA A 181 21.21 -28.64 -31.46
N GLY A 182 20.99 -29.88 -30.98
CA GLY A 182 20.77 -31.08 -31.81
C GLY A 182 19.49 -30.97 -32.66
N PRO A 183 19.36 -31.81 -33.72
CA PRO A 183 18.23 -31.72 -34.64
C PRO A 183 16.85 -32.01 -34.01
N GLU A 184 16.82 -32.87 -32.98
CA GLU A 184 15.59 -33.29 -32.27
C GLU A 184 15.17 -32.25 -31.23
N ALA A 185 16.13 -31.43 -30.78
CA ALA A 185 16.04 -30.56 -29.57
C ALA A 185 14.70 -29.82 -29.51
N GLU A 186 14.30 -29.15 -30.59
CA GLU A 186 13.10 -28.27 -30.60
C GLU A 186 11.83 -29.13 -30.46
N THR A 187 11.71 -30.20 -31.26
CA THR A 187 10.56 -31.15 -31.23
C THR A 187 10.39 -31.65 -29.79
N HIS A 188 11.47 -32.21 -29.22
CA HIS A 188 11.52 -32.78 -27.84
C HIS A 188 11.06 -31.72 -26.83
N LEU A 189 11.69 -30.55 -26.84
CA LEU A 189 11.43 -29.44 -25.87
C LEU A 189 9.96 -28.99 -25.95
N ARG A 190 9.37 -29.02 -27.14
CA ARG A 190 7.95 -28.63 -27.37
C ARG A 190 7.03 -29.62 -26.65
N LYS A 191 7.36 -30.91 -26.70
CA LYS A 191 6.63 -32.00 -25.99
C LYS A 191 6.68 -31.74 -24.48
N LEU A 192 7.83 -31.26 -23.98
CA LEU A 192 8.07 -30.99 -22.53
C LEU A 192 7.34 -29.70 -22.11
N GLY A 193 6.66 -29.02 -23.04
CA GLY A 193 5.69 -27.93 -22.75
C GLY A 193 6.33 -26.55 -22.77
N LEU A 194 7.46 -26.38 -23.46
CA LEU A 194 8.19 -25.09 -23.55
C LEU A 194 7.44 -24.13 -24.49
N GLY A 195 6.63 -24.66 -25.39
CA GLY A 195 5.93 -23.88 -26.43
C GLY A 195 6.93 -23.22 -27.38
N TYR A 196 6.70 -21.93 -27.67
CA TYR A 196 7.52 -21.08 -28.57
C TYR A 196 8.96 -20.96 -28.05
N ARG A 197 9.17 -21.08 -26.73
CA ARG A 197 10.48 -20.89 -26.05
C ARG A 197 11.45 -21.99 -26.53
N ALA A 198 10.91 -23.15 -26.90
CA ALA A 198 11.67 -24.32 -27.41
C ALA A 198 12.51 -23.91 -28.61
N ARG A 199 11.99 -23.03 -29.49
CA ARG A 199 12.70 -22.58 -30.71
C ARG A 199 13.89 -21.70 -30.32
N TYR A 200 13.66 -20.76 -29.39
CA TYR A 200 14.67 -19.80 -28.91
C TYR A 200 15.83 -20.55 -28.26
N VAL A 201 15.53 -21.64 -27.53
CA VAL A 201 16.52 -22.48 -26.81
C VAL A 201 17.43 -23.16 -27.84
N ARG A 202 16.86 -23.87 -28.81
CA ARG A 202 17.64 -24.57 -29.86
C ARG A 202 18.46 -23.54 -30.65
N ALA A 203 17.80 -22.47 -31.13
CA ALA A 203 18.40 -21.43 -31.99
C ALA A 203 19.57 -20.74 -31.27
N SER A 204 19.39 -20.37 -29.99
CA SER A 204 20.43 -19.67 -29.19
C SER A 204 21.64 -20.60 -28.97
N ALA A 205 21.39 -21.89 -28.72
CA ALA A 205 22.44 -22.92 -28.53
C ALA A 205 23.26 -23.05 -29.83
N LYS A 206 22.57 -23.24 -30.96
CA LYS A 206 23.20 -23.31 -32.31
C LYS A 206 24.02 -22.04 -32.56
N ALA A 207 23.42 -20.86 -32.29
CA ALA A 207 24.04 -19.54 -32.53
C ALA A 207 25.36 -19.43 -31.75
N ILE A 208 25.37 -19.80 -30.47
CA ILE A 208 26.57 -19.64 -29.60
C ILE A 208 27.67 -20.60 -30.11
N LEU A 209 27.32 -21.83 -30.49
CA LEU A 209 28.29 -22.85 -30.96
C LEU A 209 28.90 -22.42 -32.30
N GLU A 210 28.05 -22.14 -33.29
CA GLU A 210 28.47 -21.96 -34.72
C GLU A 210 28.97 -20.53 -34.93
N GLU A 211 28.21 -19.52 -34.48
CA GLU A 211 28.43 -18.09 -34.80
C GLU A 211 29.39 -17.43 -33.80
N GLN A 212 29.53 -17.97 -32.58
CA GLN A 212 30.21 -17.26 -31.46
C GLN A 212 31.34 -18.11 -30.82
N GLY A 213 31.54 -19.36 -31.27
CA GLY A 213 32.70 -20.18 -30.86
C GLY A 213 32.57 -20.77 -29.46
N GLY A 214 31.37 -21.19 -29.07
CA GLY A 214 31.13 -22.06 -27.90
C GLY A 214 30.90 -21.29 -26.61
N PRO A 215 30.91 -21.99 -25.44
CA PRO A 215 30.53 -21.38 -24.16
C PRO A 215 31.57 -20.38 -23.60
N ALA A 216 32.78 -20.38 -24.17
CA ALA A 216 33.85 -19.39 -23.89
C ALA A 216 33.38 -17.98 -24.24
N TRP A 217 32.40 -17.83 -25.13
CA TRP A 217 31.78 -16.53 -25.49
C TRP A 217 31.04 -15.95 -24.29
N LEU A 218 30.24 -16.75 -23.59
CA LEU A 218 29.49 -16.30 -22.38
C LEU A 218 30.48 -15.90 -21.29
N GLN A 219 31.63 -16.57 -21.21
CA GLN A 219 32.71 -16.25 -20.23
C GLN A 219 33.36 -14.91 -20.62
N GLN A 220 33.52 -14.63 -21.93
CA GLN A 220 34.04 -13.34 -22.45
C GLN A 220 33.13 -12.20 -22.00
N LEU A 221 31.81 -12.40 -22.03
CA LEU A 221 30.78 -11.38 -21.66
C LEU A 221 30.85 -11.10 -20.15
N ARG A 222 31.28 -12.07 -19.35
CA ARG A 222 31.48 -11.93 -17.89
C ARG A 222 32.58 -10.89 -17.62
N VAL A 223 33.60 -10.84 -18.49
CA VAL A 223 34.79 -9.96 -18.38
C VAL A 223 34.49 -8.63 -19.09
N ALA A 224 33.72 -8.66 -20.17
CA ALA A 224 33.35 -7.48 -20.99
C ALA A 224 32.55 -6.49 -20.15
N PRO A 225 32.54 -5.18 -20.50
CA PRO A 225 31.70 -4.21 -19.80
C PRO A 225 30.21 -4.50 -19.96
N TYR A 226 29.41 -4.08 -18.97
CA TYR A 226 27.94 -4.23 -18.88
C TYR A 226 27.30 -3.99 -20.26
N GLU A 227 27.55 -2.83 -20.85
CA GLU A 227 26.87 -2.33 -22.07
C GLU A 227 27.15 -3.28 -23.24
N GLU A 228 28.40 -3.75 -23.39
CA GLU A 228 28.83 -4.64 -24.50
C GLU A 228 28.15 -6.02 -24.31
N ALA A 229 28.16 -6.53 -23.08
CA ALA A 229 27.57 -7.84 -22.72
C ALA A 229 26.06 -7.81 -23.03
N HIS A 230 25.37 -6.74 -22.62
CA HIS A 230 23.90 -6.59 -22.79
C HIS A 230 23.54 -6.61 -24.28
N LYS A 231 24.22 -5.79 -25.08
CA LYS A 231 24.00 -5.69 -26.54
C LYS A 231 24.21 -7.06 -27.19
N ALA A 232 25.26 -7.77 -26.77
CA ALA A 232 25.68 -9.08 -27.33
C ALA A 232 24.61 -10.13 -27.04
N LEU A 233 24.10 -10.18 -25.81
CA LEU A 233 23.02 -11.11 -25.41
C LEU A 233 21.76 -10.83 -26.24
N CYS A 234 21.46 -9.55 -26.51
CA CYS A 234 20.22 -9.13 -27.22
C CYS A 234 20.24 -9.59 -28.69
N THR A 235 21.39 -10.02 -29.22
CA THR A 235 21.49 -10.55 -30.61
C THR A 235 21.06 -12.02 -30.64
N LEU A 236 20.79 -12.65 -29.49
CA LEU A 236 20.40 -14.08 -29.41
C LEU A 236 18.89 -14.21 -29.58
N PRO A 237 18.42 -15.26 -30.29
CA PRO A 237 17.00 -15.58 -30.34
C PRO A 237 16.36 -15.74 -28.96
N GLY A 238 15.29 -14.96 -28.72
CA GLY A 238 14.48 -15.05 -27.50
C GLY A 238 14.99 -14.14 -26.40
N VAL A 239 16.11 -13.43 -26.62
CA VAL A 239 16.73 -12.57 -25.59
C VAL A 239 16.52 -11.11 -25.98
N GLY A 240 15.64 -10.42 -25.23
CA GLY A 240 15.46 -8.96 -25.25
C GLY A 240 16.10 -8.29 -24.04
N ALA A 241 15.85 -6.99 -23.85
CA ALA A 241 16.51 -6.13 -22.84
C ALA A 241 16.32 -6.73 -21.43
N LYS A 242 15.12 -7.21 -21.12
CA LYS A 242 14.76 -7.72 -19.76
C LYS A 242 15.61 -8.97 -19.45
N VAL A 243 15.60 -9.95 -20.35
CA VAL A 243 16.32 -11.25 -20.17
C VAL A 243 17.83 -10.98 -20.13
N ALA A 244 18.33 -10.11 -21.01
CA ALA A 244 19.76 -9.74 -21.08
C ALA A 244 20.20 -9.10 -19.76
N ASP A 245 19.33 -8.33 -19.12
CA ASP A 245 19.63 -7.64 -17.84
C ASP A 245 19.62 -8.66 -16.69
N CYS A 246 18.72 -9.63 -16.73
CA CYS A 246 18.67 -10.74 -15.74
C CYS A 246 20.01 -11.48 -15.78
N ILE A 247 20.44 -11.89 -16.97
CA ILE A 247 21.69 -12.68 -17.18
C ILE A 247 22.89 -11.84 -16.72
N CYS A 248 22.97 -10.58 -17.15
CA CYS A 248 24.03 -9.61 -16.76
C CYS A 248 24.18 -9.56 -15.24
N LEU A 249 23.06 -9.40 -14.52
CA LEU A 249 23.02 -9.23 -13.05
C LEU A 249 23.38 -10.55 -12.35
N MET A 250 22.88 -11.67 -12.86
CA MET A 250 22.82 -12.96 -12.11
C MET A 250 23.97 -13.88 -12.50
N ALA A 251 24.64 -13.65 -13.64
CA ALA A 251 25.68 -14.58 -14.16
C ALA A 251 26.92 -13.85 -14.70
N LEU A 252 26.80 -12.61 -15.18
CA LEU A 252 27.92 -11.89 -15.85
C LEU A 252 28.50 -10.79 -14.95
N ASP A 253 28.27 -10.85 -13.62
CA ASP A 253 28.91 -9.97 -12.61
C ASP A 253 28.71 -8.49 -12.98
N LYS A 254 27.49 -8.11 -13.37
CA LYS A 254 27.08 -6.71 -13.63
C LYS A 254 26.07 -6.30 -12.55
N PRO A 255 26.52 -5.92 -11.33
CA PRO A 255 25.58 -5.60 -10.24
C PRO A 255 24.67 -4.39 -10.50
N GLN A 256 24.99 -3.57 -11.51
CA GLN A 256 24.25 -2.33 -11.86
C GLN A 256 23.10 -2.64 -12.82
N ALA A 257 23.04 -3.84 -13.38
CA ALA A 257 21.96 -4.28 -14.31
C ALA A 257 20.64 -4.28 -13.54
N VAL A 258 19.63 -3.60 -14.09
CA VAL A 258 18.26 -3.47 -13.50
C VAL A 258 17.26 -4.00 -14.51
N PRO A 259 16.87 -5.30 -14.45
CA PRO A 259 15.88 -5.85 -15.38
C PRO A 259 14.56 -5.10 -15.21
N VAL A 260 14.03 -4.52 -16.29
CA VAL A 260 12.79 -3.70 -16.25
C VAL A 260 11.66 -4.44 -17.00
N ASP A 261 10.50 -4.51 -16.36
CA ASP A 261 9.23 -4.99 -16.98
C ASP A 261 8.08 -4.37 -16.18
N VAL A 262 6.84 -4.79 -16.47
CA VAL A 262 5.59 -4.27 -15.85
C VAL A 262 5.72 -4.26 -14.32
N HIS A 263 6.42 -5.24 -13.73
CA HIS A 263 6.56 -5.43 -12.26
C HIS A 263 7.38 -4.28 -11.66
N VAL A 264 8.45 -3.87 -12.34
CA VAL A 264 9.38 -2.80 -11.89
C VAL A 264 8.72 -1.44 -12.15
N TRP A 265 8.02 -1.32 -13.27
CA TRP A 265 7.19 -0.13 -13.64
C TRP A 265 6.20 0.18 -12.52
N GLN A 266 5.52 -0.85 -12.01
CA GLN A 266 4.47 -0.76 -10.95
C GLN A 266 5.10 -0.20 -9.66
N ILE A 267 6.20 -0.79 -9.20
CA ILE A 267 6.97 -0.34 -7.99
C ILE A 267 7.41 1.11 -8.21
N ALA A 268 8.11 1.39 -9.31
CA ALA A 268 8.69 2.72 -9.64
C ALA A 268 7.59 3.80 -9.56
N HIS A 269 6.47 3.55 -10.23
CA HIS A 269 5.34 4.51 -10.31
C HIS A 269 4.67 4.66 -8.92
N ARG A 270 4.33 3.55 -8.27
CA ARG A 270 3.57 3.58 -6.99
C ARG A 270 4.45 4.12 -5.86
N ASP A 271 5.67 3.59 -5.71
CA ASP A 271 6.52 3.76 -4.50
C ASP A 271 7.48 4.95 -4.67
N TYR A 272 7.77 5.39 -5.90
CA TYR A 272 8.76 6.47 -6.18
C TYR A 272 8.12 7.62 -6.97
N GLY A 273 6.87 7.48 -7.41
CA GLY A 273 6.17 8.52 -8.20
C GLY A 273 6.84 8.79 -9.54
N TRP A 274 7.54 7.79 -10.10
CA TRP A 274 8.29 7.94 -11.38
C TRP A 274 7.33 7.79 -12.57
N HIS A 275 7.43 8.71 -13.52
CA HIS A 275 6.87 8.61 -14.90
C HIS A 275 8.04 8.82 -15.87
N PRO A 276 7.97 8.30 -17.11
CA PRO A 276 9.03 8.57 -18.08
C PRO A 276 9.07 10.08 -18.39
N LYS A 277 10.27 10.65 -18.45
CA LYS A 277 10.52 12.04 -18.92
C LYS A 277 10.70 12.07 -20.45
N THR A 278 10.32 10.99 -21.16
CA THR A 278 10.44 10.82 -22.63
C THR A 278 9.48 9.72 -23.10
N GLY A 283 3.58 4.68 -20.67
CA GLY A 283 3.53 3.20 -20.66
C GLY A 283 4.84 2.59 -21.13
N PRO A 284 5.10 1.29 -20.88
CA PRO A 284 6.37 0.66 -21.25
C PRO A 284 6.71 0.73 -22.76
N SER A 285 7.90 1.26 -23.06
CA SER A 285 8.57 1.27 -24.38
C SER A 285 10.02 0.84 -24.17
N PRO A 286 10.78 0.51 -25.24
CA PRO A 286 12.20 0.19 -25.09
C PRO A 286 12.99 1.35 -24.45
N LEU A 287 12.71 2.58 -24.86
CA LEU A 287 13.45 3.81 -24.45
C LEU A 287 13.08 4.17 -23.00
N ALA A 288 11.81 4.04 -22.64
CA ALA A 288 11.30 4.32 -21.26
C ALA A 288 11.84 3.28 -20.29
N ASN A 289 11.91 2.00 -20.72
CA ASN A 289 12.47 0.89 -19.91
C ASN A 289 13.94 1.22 -19.57
N LYS A 290 14.72 1.62 -20.57
CA LYS A 290 16.15 2.01 -20.39
C LYS A 290 16.22 3.18 -19.40
N GLU A 291 15.31 4.14 -19.55
CA GLU A 291 15.25 5.36 -18.69
C GLU A 291 15.03 4.92 -17.24
N LEU A 292 14.13 3.96 -17.00
CA LEU A 292 13.77 3.48 -15.64
C LEU A 292 14.96 2.75 -15.02
N GLY A 293 15.69 1.96 -15.82
CA GLY A 293 16.94 1.32 -15.42
C GLY A 293 17.96 2.36 -14.95
N ASN A 294 18.11 3.44 -15.71
CA ASN A 294 19.05 4.55 -15.41
C ASN A 294 18.62 5.22 -14.10
N PHE A 295 17.31 5.44 -13.91
CA PHE A 295 16.74 6.09 -12.70
C PHE A 295 17.22 5.34 -11.45
N PHE A 296 17.15 4.01 -11.44
CA PHE A 296 17.47 3.16 -10.27
C PHE A 296 18.99 3.08 -10.07
N ARG A 297 19.77 3.12 -11.14
CA ARG A 297 21.26 3.21 -11.05
C ARG A 297 21.63 4.56 -10.41
N ASN A 298 21.00 5.64 -10.85
CA ASN A 298 21.22 7.01 -10.30
C ASN A 298 20.86 7.04 -8.81
N LEU A 299 19.78 6.37 -8.42
CA LEU A 299 19.27 6.41 -7.02
C LEU A 299 20.16 5.57 -6.10
N TRP A 300 20.44 4.31 -6.47
CA TRP A 300 21.04 3.27 -5.58
C TRP A 300 22.55 3.13 -5.81
N GLY A 301 23.03 3.45 -7.01
CA GLY A 301 24.46 3.35 -7.36
C GLY A 301 24.79 2.06 -8.09
N PRO A 302 26.06 1.57 -8.02
CA PRO A 302 26.53 0.52 -8.92
C PRO A 302 26.07 -0.91 -8.56
N TYR A 303 25.36 -1.08 -7.44
CA TYR A 303 24.72 -2.36 -7.03
C TYR A 303 23.19 -2.23 -7.09
N ALA A 304 22.67 -1.47 -8.06
CA ALA A 304 21.22 -1.16 -8.23
C ALA A 304 20.40 -2.46 -8.37
N GLY A 305 20.89 -3.41 -9.19
CA GLY A 305 20.28 -4.73 -9.37
C GLY A 305 20.05 -5.46 -8.05
N TRP A 306 21.01 -5.34 -7.12
CA TRP A 306 20.97 -6.02 -5.80
C TRP A 306 19.89 -5.39 -4.93
N ALA A 307 19.79 -4.06 -4.95
CA ALA A 307 18.76 -3.28 -4.22
C ALA A 307 17.37 -3.67 -4.74
N GLN A 308 17.24 -3.81 -6.06
CA GLN A 308 15.99 -4.23 -6.74
C GLN A 308 15.54 -5.57 -6.17
N ALA A 309 16.45 -6.54 -6.08
CA ALA A 309 16.20 -7.91 -5.57
C ALA A 309 15.57 -7.85 -4.18
N VAL A 310 16.03 -6.92 -3.33
CA VAL A 310 15.49 -6.71 -1.95
C VAL A 310 14.04 -6.24 -2.06
N LEU A 311 13.72 -5.32 -2.98
CA LEU A 311 12.35 -4.77 -3.17
C LEU A 311 11.42 -5.86 -3.70
N PHE A 312 11.88 -6.69 -4.64
CA PHE A 312 11.11 -7.83 -5.21
C PHE A 312 10.77 -8.82 -4.10
N SER A 313 11.77 -9.21 -3.30
CA SER A 313 11.62 -10.16 -2.17
C SER A 313 10.62 -9.60 -1.15
N ALA A 314 10.61 -8.28 -0.93
CA ALA A 314 9.75 -7.58 0.04
C ALA A 314 8.33 -7.41 -0.53
N ASP A 315 8.19 -7.30 -1.85
CA ASP A 315 6.88 -7.14 -2.54
C ASP A 315 6.15 -8.49 -2.55
N LEU A 316 6.88 -9.59 -2.83
CA LEU A 316 6.45 -11.00 -2.61
C LEU A 316 6.78 -11.36 -1.15
N SER B 2 -41.37 -8.33 18.41
CA SER B 2 -42.18 -9.49 17.94
C SER B 2 -41.79 -10.78 18.67
N HIS B 3 -42.79 -11.59 19.04
CA HIS B 3 -42.65 -12.97 19.57
C HIS B 3 -41.88 -13.88 18.60
N MET B 4 -41.67 -13.49 17.33
CA MET B 4 -40.92 -14.29 16.31
C MET B 4 -39.48 -13.80 16.25
N ARG B 5 -38.53 -14.74 16.14
CA ARG B 5 -37.07 -14.51 16.38
C ARG B 5 -36.29 -14.86 15.11
N HIS B 6 -35.14 -14.21 14.90
CA HIS B 6 -34.15 -14.57 13.84
C HIS B 6 -33.65 -16.00 14.11
N ARG B 7 -33.74 -16.86 13.10
CA ARG B 7 -33.25 -18.27 13.17
C ARG B 7 -31.72 -18.30 13.06
N THR B 8 -31.11 -19.28 13.74
CA THR B 8 -29.72 -19.75 13.50
C THR B 8 -29.80 -21.23 13.10
N LEU B 9 -28.72 -21.78 12.53
CA LEU B 9 -28.69 -23.14 11.92
C LEU B 9 -28.84 -24.23 13.00
N SER B 10 -28.29 -24.02 14.20
CA SER B 10 -28.35 -24.97 15.34
C SER B 10 -29.70 -24.91 16.08
N SER B 11 -30.44 -23.81 15.92
CA SER B 11 -31.65 -23.45 16.71
C SER B 11 -32.90 -24.13 16.14
N SER B 12 -32.97 -24.34 14.82
CA SER B 12 -34.20 -24.76 14.11
C SER B 12 -33.86 -25.44 12.79
N PRO B 13 -33.00 -26.49 12.82
CA PRO B 13 -32.48 -27.10 11.59
C PRO B 13 -33.55 -27.79 10.71
N ALA B 14 -34.76 -27.98 11.25
CA ALA B 14 -35.94 -28.49 10.52
C ALA B 14 -36.32 -27.54 9.37
N LEU B 15 -36.12 -26.23 9.55
CA LEU B 15 -36.64 -25.15 8.66
C LEU B 15 -35.59 -24.72 7.63
N TRP B 16 -34.38 -25.30 7.64
CA TRP B 16 -33.27 -24.97 6.69
C TRP B 16 -33.19 -26.01 5.58
N ALA B 17 -32.98 -25.55 4.34
CA ALA B 17 -32.56 -26.35 3.16
C ALA B 17 -31.15 -25.93 2.79
N SER B 18 -30.48 -26.68 1.91
CA SER B 18 -29.08 -26.43 1.49
C SER B 18 -29.00 -26.40 -0.03
N ILE B 19 -28.07 -25.60 -0.55
CA ILE B 19 -27.63 -25.64 -1.97
C ILE B 19 -26.16 -26.05 -1.95
N PRO B 20 -25.73 -27.04 -2.76
CA PRO B 20 -24.32 -27.40 -2.84
C PRO B 20 -23.56 -26.21 -3.44
N CYS B 21 -22.63 -25.62 -2.68
CA CYS B 21 -21.93 -24.36 -3.05
C CYS B 21 -20.62 -24.23 -2.27
N PRO B 22 -19.45 -24.43 -2.92
CA PRO B 22 -18.17 -24.20 -2.27
C PRO B 22 -18.01 -22.75 -1.79
N ARG B 23 -17.33 -22.55 -0.66
CA ARG B 23 -17.00 -21.20 -0.11
C ARG B 23 -16.08 -20.45 -1.09
N SER B 24 -15.42 -21.17 -2.01
CA SER B 24 -14.58 -20.59 -3.08
C SER B 24 -15.44 -20.01 -4.21
N GLU B 25 -16.69 -20.46 -4.36
CA GLU B 25 -17.66 -19.95 -5.38
C GLU B 25 -18.51 -18.81 -4.80
N LEU B 26 -18.55 -18.65 -3.47
CA LEU B 26 -19.38 -17.64 -2.78
C LEU B 26 -18.96 -17.53 -1.31
N ARG B 27 -18.50 -16.35 -0.90
CA ARG B 27 -18.36 -15.95 0.52
C ARG B 27 -19.42 -14.89 0.83
N LEU B 28 -20.46 -15.26 1.57
CA LEU B 28 -21.57 -14.37 1.99
C LEU B 28 -21.00 -13.09 2.58
N ASP B 29 -19.97 -13.21 3.42
CA ASP B 29 -19.42 -12.09 4.25
C ASP B 29 -18.71 -11.06 3.37
N LEU B 30 -18.34 -11.43 2.14
CA LEU B 30 -17.66 -10.53 1.16
C LEU B 30 -18.66 -9.94 0.17
N VAL B 31 -19.85 -10.54 0.01
CA VAL B 31 -20.81 -10.22 -1.10
C VAL B 31 -22.02 -9.43 -0.58
N LEU B 32 -22.46 -9.67 0.67
CA LEU B 32 -23.79 -9.20 1.16
C LEU B 32 -23.70 -7.82 1.82
N ALA B 33 -22.51 -7.33 2.18
CA ALA B 33 -22.32 -5.97 2.75
C ALA B 33 -21.11 -5.27 2.14
N SER B 34 -20.81 -5.58 0.86
CA SER B 34 -19.70 -4.96 0.07
C SER B 34 -20.23 -3.88 -0.87
N GLY B 35 -21.45 -3.37 -0.63
CA GLY B 35 -22.05 -2.25 -1.38
C GLY B 35 -22.66 -2.65 -2.71
N GLN B 36 -23.10 -3.90 -2.86
CA GLN B 36 -23.95 -4.34 -4.00
C GLN B 36 -25.42 -4.17 -3.60
N SER B 37 -25.84 -4.91 -2.58
CA SER B 37 -27.16 -4.84 -1.89
C SER B 37 -26.95 -4.15 -0.55
N PHE B 38 -27.96 -3.42 -0.07
CA PHE B 38 -27.90 -2.67 1.21
C PHE B 38 -29.00 -3.20 2.16
N ARG B 39 -29.43 -4.45 1.95
CA ARG B 39 -30.63 -5.05 2.60
C ARG B 39 -30.26 -6.30 3.40
N TRP B 40 -28.98 -6.63 3.54
CA TRP B 40 -28.51 -7.82 4.32
C TRP B 40 -27.75 -7.36 5.56
N LYS B 41 -28.11 -7.87 6.75
CA LYS B 41 -27.39 -7.63 8.02
C LYS B 41 -27.08 -8.99 8.67
N GLU B 42 -25.88 -9.11 9.23
CA GLU B 42 -25.44 -10.28 10.06
C GLU B 42 -26.05 -10.13 11.45
N GLN B 43 -27.30 -10.57 11.65
CA GLN B 43 -28.10 -10.35 12.88
C GLN B 43 -27.52 -11.22 14.03
N SER B 44 -27.03 -12.41 13.71
CA SER B 44 -26.17 -13.24 14.59
C SER B 44 -24.97 -13.72 13.78
N PRO B 45 -23.84 -14.10 14.43
CA PRO B 45 -22.61 -14.41 13.70
C PRO B 45 -22.79 -15.47 12.61
N ALA B 46 -22.31 -15.18 11.39
CA ALA B 46 -22.31 -16.05 10.20
C ALA B 46 -23.72 -16.22 9.62
N HIS B 47 -24.71 -15.50 10.16
CA HIS B 47 -26.14 -15.61 9.77
C HIS B 47 -26.62 -14.26 9.20
N TRP B 48 -26.87 -14.23 7.89
CA TRP B 48 -27.20 -13.01 7.12
C TRP B 48 -28.70 -13.01 6.84
N SER B 49 -29.40 -11.98 7.35
CA SER B 49 -30.87 -11.84 7.19
C SER B 49 -31.15 -10.61 6.31
N GLY B 50 -32.11 -10.74 5.39
CA GLY B 50 -32.49 -9.66 4.45
C GLY B 50 -33.65 -10.06 3.56
N VAL B 51 -34.09 -9.13 2.72
CA VAL B 51 -35.30 -9.25 1.85
C VAL B 51 -34.88 -9.64 0.43
N LEU B 52 -35.57 -10.63 -0.14
CA LEU B 52 -35.64 -10.93 -1.60
C LEU B 52 -37.12 -10.98 -2.02
N ALA B 53 -37.56 -10.07 -2.89
CA ALA B 53 -38.86 -10.14 -3.57
C ALA B 53 -39.98 -10.37 -2.54
N ASP B 54 -40.11 -9.47 -1.57
CA ASP B 54 -41.22 -9.47 -0.58
C ASP B 54 -41.21 -10.75 0.27
N GLN B 55 -40.05 -11.33 0.51
CA GLN B 55 -39.83 -12.46 1.46
C GLN B 55 -38.53 -12.21 2.23
N VAL B 56 -38.51 -12.51 3.52
CA VAL B 56 -37.26 -12.41 4.34
C VAL B 56 -36.56 -13.77 4.31
N TRP B 57 -35.23 -13.76 4.23
CA TRP B 57 -34.34 -14.95 4.24
C TRP B 57 -33.31 -14.81 5.36
N THR B 58 -32.85 -15.92 5.93
CA THR B 58 -31.56 -16.01 6.65
C THR B 58 -30.65 -17.00 5.90
N LEU B 59 -29.39 -16.61 5.72
CA LEU B 59 -28.36 -17.36 4.97
C LEU B 59 -27.14 -17.59 5.86
N THR B 60 -26.55 -18.79 5.78
CA THR B 60 -25.27 -19.16 6.42
C THR B 60 -24.64 -20.27 5.58
N GLN B 61 -23.33 -20.49 5.70
CA GLN B 61 -22.63 -21.48 4.84
C GLN B 61 -21.55 -22.23 5.63
N THR B 62 -21.35 -23.50 5.25
CA THR B 62 -20.17 -24.33 5.58
C THR B 62 -19.18 -24.21 4.41
N GLU B 63 -18.16 -25.07 4.36
CA GLU B 63 -17.10 -25.01 3.32
C GLU B 63 -17.68 -25.43 1.96
N ASP B 64 -18.76 -26.21 1.94
CA ASP B 64 -19.26 -26.87 0.71
C ASP B 64 -20.77 -26.62 0.50
N GLN B 65 -21.48 -25.99 1.47
CA GLN B 65 -22.97 -25.89 1.44
C GLN B 65 -23.41 -24.46 1.77
N LEU B 66 -24.42 -23.96 1.03
CA LEU B 66 -25.18 -22.72 1.33
C LEU B 66 -26.52 -23.11 1.97
N TYR B 67 -26.67 -22.80 3.26
CA TYR B 67 -27.87 -23.12 4.09
C TYR B 67 -28.77 -21.87 4.11
N CYS B 68 -30.04 -22.04 3.75
CA CYS B 68 -31.04 -20.94 3.66
C CYS B 68 -32.34 -21.33 4.38
N THR B 69 -32.95 -20.37 5.07
CA THR B 69 -34.31 -20.46 5.66
C THR B 69 -35.11 -19.22 5.25
N VAL B 70 -36.41 -19.40 5.00
CA VAL B 70 -37.33 -18.33 4.51
C VAL B 70 -38.48 -18.15 5.52
N TYR B 71 -38.82 -16.89 5.81
CA TYR B 71 -39.96 -16.48 6.68
C TYR B 71 -41.06 -15.89 5.79
N ARG B 72 -42.24 -16.52 5.80
CA ARG B 72 -43.42 -16.08 5.02
C ARG B 72 -44.43 -15.49 6.00
N ASP B 75 -47.74 -15.90 9.51
CA ASP B 75 -49.11 -16.11 8.96
C ASP B 75 -49.23 -17.54 8.39
N SER B 76 -48.33 -17.91 7.46
CA SER B 76 -48.22 -19.27 6.87
C SER B 76 -47.70 -20.23 7.94
N GLN B 77 -47.78 -21.54 7.68
CA GLN B 77 -47.24 -22.63 8.54
C GLN B 77 -45.71 -22.65 8.36
N VAL B 78 -44.93 -22.48 9.45
CA VAL B 78 -43.43 -22.51 9.43
C VAL B 78 -42.97 -23.76 8.70
N SER B 79 -42.38 -23.60 7.51
CA SER B 79 -41.98 -24.69 6.57
C SER B 79 -40.58 -24.38 6.02
N ARG B 80 -39.84 -25.42 5.61
CA ARG B 80 -38.49 -25.32 5.02
C ARG B 80 -38.64 -24.78 3.59
N PRO B 81 -37.64 -24.06 3.04
CA PRO B 81 -37.74 -23.48 1.70
C PRO B 81 -38.16 -24.48 0.62
N THR B 82 -39.04 -24.07 -0.30
CA THR B 82 -39.51 -24.91 -1.43
C THR B 82 -38.38 -24.99 -2.47
N LEU B 83 -38.59 -25.77 -3.54
CA LEU B 83 -37.65 -25.91 -4.67
C LEU B 83 -37.61 -24.59 -5.46
N GLU B 84 -38.77 -24.03 -5.81
CA GLU B 84 -38.90 -22.76 -6.58
C GLU B 84 -38.19 -21.62 -5.82
N GLU B 85 -38.30 -21.60 -4.49
CA GLU B 85 -37.67 -20.58 -3.61
C GLU B 85 -36.15 -20.75 -3.63
N LEU B 86 -35.66 -22.00 -3.59
CA LEU B 86 -34.21 -22.31 -3.71
C LEU B 86 -33.69 -21.85 -5.06
N GLU B 87 -34.51 -21.99 -6.12
CA GLU B 87 -34.12 -21.66 -7.53
C GLU B 87 -33.95 -20.13 -7.68
N THR B 88 -34.81 -19.34 -7.03
CA THR B 88 -34.72 -17.85 -7.07
C THR B 88 -33.46 -17.40 -6.33
N LEU B 89 -33.03 -18.16 -5.33
CA LEU B 89 -31.78 -17.89 -4.58
C LEU B 89 -30.56 -18.28 -5.43
N HIS B 90 -30.66 -19.36 -6.21
CA HIS B 90 -29.62 -19.82 -7.16
C HIS B 90 -29.43 -18.77 -8.27
N LYS B 91 -30.53 -18.18 -8.75
CA LYS B 91 -30.54 -17.07 -9.74
C LYS B 91 -29.89 -15.82 -9.15
N TYR B 92 -30.24 -15.47 -7.90
CA TYR B 92 -29.79 -14.24 -7.20
C TYR B 92 -28.26 -14.22 -7.08
N PHE B 93 -27.65 -15.37 -6.79
CA PHE B 93 -26.17 -15.52 -6.65
C PHE B 93 -25.54 -15.96 -7.98
N GLN B 94 -26.34 -16.07 -9.06
CA GLN B 94 -25.86 -16.41 -10.43
C GLN B 94 -24.86 -17.58 -10.34
N LEU B 95 -25.25 -18.65 -9.65
CA LEU B 95 -24.34 -19.78 -9.31
C LEU B 95 -24.07 -20.65 -10.54
N ASP B 96 -24.85 -20.50 -11.62
CA ASP B 96 -24.54 -21.07 -12.95
C ASP B 96 -23.14 -20.65 -13.39
N VAL B 97 -22.70 -19.44 -13.03
CA VAL B 97 -21.38 -18.86 -13.43
C VAL B 97 -20.28 -19.43 -12.53
N SER B 98 -19.26 -20.04 -13.14
CA SER B 98 -18.05 -20.58 -12.48
C SER B 98 -17.09 -19.43 -12.16
N LEU B 99 -16.95 -19.11 -10.87
CA LEU B 99 -16.04 -18.05 -10.37
C LEU B 99 -14.59 -18.54 -10.43
N ALA B 100 -14.36 -19.84 -10.18
CA ALA B 100 -13.03 -20.50 -10.23
C ALA B 100 -12.41 -20.30 -11.62
N GLN B 101 -13.19 -20.48 -12.68
CA GLN B 101 -12.76 -20.33 -14.09
C GLN B 101 -12.45 -18.85 -14.39
N LEU B 102 -13.32 -17.94 -13.95
CA LEU B 102 -13.13 -16.47 -14.16
C LEU B 102 -11.87 -15.99 -13.44
N TYR B 103 -11.72 -16.34 -12.15
CA TYR B 103 -10.52 -16.01 -11.33
C TYR B 103 -9.25 -16.47 -12.07
N SER B 104 -9.25 -17.71 -12.56
CA SER B 104 -8.13 -18.31 -13.36
C SER B 104 -7.80 -17.39 -14.54
N HIS B 105 -8.82 -16.98 -15.31
CA HIS B 105 -8.66 -16.19 -16.56
C HIS B 105 -8.07 -14.81 -16.25
N TRP B 106 -8.61 -14.13 -15.24
CA TRP B 106 -8.17 -12.77 -14.82
C TRP B 106 -6.73 -12.82 -14.29
N ALA B 107 -6.42 -13.83 -13.47
CA ALA B 107 -5.09 -14.06 -12.87
C ALA B 107 -4.05 -14.31 -13.97
N SER B 108 -4.47 -14.94 -15.08
CA SER B 108 -3.59 -15.32 -16.22
C SER B 108 -3.12 -14.08 -16.98
N VAL B 109 -3.94 -13.01 -17.01
CA VAL B 109 -3.66 -11.77 -17.79
C VAL B 109 -3.31 -10.60 -16.87
N ASP B 110 -3.36 -10.77 -15.54
CA ASP B 110 -3.22 -9.67 -14.55
C ASP B 110 -2.53 -10.17 -13.27
N SER B 111 -1.24 -9.89 -13.13
CA SER B 111 -0.40 -10.30 -11.97
C SER B 111 -0.94 -9.69 -10.67
N HIS B 112 -1.43 -8.45 -10.72
CA HIS B 112 -1.95 -7.74 -9.52
C HIS B 112 -3.18 -8.48 -8.98
N PHE B 113 -4.13 -8.81 -9.86
CA PHE B 113 -5.35 -9.59 -9.52
C PHE B 113 -4.94 -10.89 -8.81
N GLN B 114 -3.97 -11.60 -9.37
CA GLN B 114 -3.50 -12.93 -8.88
C GLN B 114 -3.06 -12.82 -7.41
N ARG B 115 -2.32 -11.77 -7.05
CA ARG B 115 -1.82 -11.52 -5.66
C ARG B 115 -3.00 -11.26 -4.71
N VAL B 116 -3.99 -10.46 -5.13
CA VAL B 116 -5.08 -9.93 -4.27
C VAL B 116 -6.20 -10.97 -4.09
N ALA B 117 -6.50 -11.75 -5.14
CA ALA B 117 -7.66 -12.66 -5.20
C ALA B 117 -7.46 -13.94 -4.37
N GLN B 118 -6.25 -14.23 -3.90
CA GLN B 118 -5.95 -15.43 -3.06
C GLN B 118 -6.79 -15.39 -1.79
N LYS B 119 -6.73 -14.28 -1.04
CA LYS B 119 -7.42 -14.10 0.27
C LYS B 119 -8.90 -13.71 0.05
N PHE B 120 -9.29 -13.35 -1.18
CA PHE B 120 -10.63 -12.78 -1.49
C PHE B 120 -11.31 -13.59 -2.59
N GLN B 121 -11.54 -14.87 -2.32
CA GLN B 121 -12.30 -15.80 -3.20
C GLN B 121 -13.79 -15.74 -2.84
N GLY B 122 -14.64 -16.13 -3.77
CA GLY B 122 -16.10 -16.19 -3.59
C GLY B 122 -16.75 -14.80 -3.67
N VAL B 123 -16.06 -13.81 -4.24
CA VAL B 123 -16.67 -12.50 -4.58
C VAL B 123 -17.33 -12.62 -5.97
N ARG B 124 -18.66 -12.62 -5.99
CA ARG B 124 -19.47 -12.66 -7.24
C ARG B 124 -20.49 -11.52 -7.20
N LEU B 125 -21.18 -11.29 -8.30
CA LEU B 125 -22.21 -10.23 -8.45
C LEU B 125 -23.58 -10.82 -8.17
N LEU B 126 -24.34 -10.18 -7.27
CA LEU B 126 -25.77 -10.49 -7.06
C LEU B 126 -26.50 -10.06 -8.34
N ARG B 127 -27.58 -10.77 -8.67
CA ARG B 127 -28.56 -10.37 -9.73
C ARG B 127 -29.74 -9.71 -9.03
N GLN B 128 -29.77 -8.37 -9.01
CA GLN B 128 -30.74 -7.57 -8.22
C GLN B 128 -31.96 -7.21 -9.08
N ASP B 129 -33.10 -6.99 -8.44
CA ASP B 129 -34.30 -6.34 -9.03
C ASP B 129 -33.91 -4.96 -9.57
N PRO B 130 -34.15 -4.66 -10.86
CA PRO B 130 -33.80 -3.36 -11.44
C PRO B 130 -34.32 -2.14 -10.66
N THR B 131 -35.60 -2.14 -10.27
CA THR B 131 -36.24 -1.00 -9.55
C THR B 131 -35.44 -0.71 -8.28
N GLU B 132 -35.22 -1.73 -7.45
CA GLU B 132 -34.51 -1.59 -6.16
C GLU B 132 -33.10 -1.08 -6.41
N CYS B 133 -32.43 -1.63 -7.42
CA CYS B 133 -31.03 -1.30 -7.76
C CYS B 133 -30.91 0.15 -8.23
N LEU B 134 -31.80 0.58 -9.13
CA LEU B 134 -31.86 1.96 -9.67
C LEU B 134 -31.96 2.97 -8.53
N PHE B 135 -32.99 2.86 -7.70
CA PHE B 135 -33.29 3.88 -6.65
C PHE B 135 -32.27 3.77 -5.51
N SER B 136 -31.71 2.58 -5.27
CA SER B 136 -30.62 2.37 -4.30
C SER B 136 -29.40 3.18 -4.75
N PHE B 137 -29.02 3.07 -6.03
CA PHE B 137 -27.74 3.63 -6.56
C PHE B 137 -27.92 5.10 -6.92
N ILE B 138 -29.14 5.59 -7.12
CA ILE B 138 -29.45 7.06 -7.18
C ILE B 138 -29.06 7.69 -5.85
N CYS B 139 -29.22 6.97 -4.73
CA CYS B 139 -28.81 7.42 -3.36
C CYS B 139 -27.31 7.21 -3.13
N SER B 140 -26.55 6.75 -4.14
CA SER B 140 -25.14 6.33 -3.97
C SER B 140 -24.18 7.51 -4.17
N SER B 141 -24.60 8.53 -4.92
CA SER B 141 -23.82 9.77 -5.19
C SER B 141 -23.36 10.38 -3.85
N ASN B 142 -22.04 10.62 -3.70
CA ASN B 142 -21.43 11.34 -2.55
C ASN B 142 -21.84 10.66 -1.25
N ASN B 143 -21.62 9.34 -1.16
CA ASN B 143 -22.20 8.50 -0.08
C ASN B 143 -21.24 7.34 0.22
N ASN B 144 -21.47 6.66 1.34
CA ASN B 144 -20.72 5.46 1.78
C ASN B 144 -21.76 4.36 2.06
N ILE B 145 -21.32 3.11 2.25
CA ILE B 145 -22.21 1.92 2.43
C ILE B 145 -23.14 2.14 3.63
N ALA B 146 -22.61 2.63 4.75
CA ALA B 146 -23.33 2.75 6.04
C ALA B 146 -24.51 3.72 5.90
N ARG B 147 -24.28 4.89 5.30
CA ARG B 147 -25.28 5.98 5.17
C ARG B 147 -26.37 5.57 4.17
N ILE B 148 -26.03 4.91 3.06
CA ILE B 148 -26.97 4.42 2.02
C ILE B 148 -27.88 3.36 2.64
N THR B 149 -27.29 2.41 3.39
CA THR B 149 -28.01 1.32 4.09
C THR B 149 -29.12 1.94 4.94
N GLY B 150 -28.81 3.03 5.65
CA GLY B 150 -29.77 3.80 6.46
C GLY B 150 -30.89 4.41 5.60
N MET B 151 -30.52 5.14 4.55
CA MET B 151 -31.49 5.83 3.64
C MET B 151 -32.45 4.79 3.03
N VAL B 152 -31.93 3.66 2.53
CA VAL B 152 -32.72 2.59 1.87
C VAL B 152 -33.66 1.97 2.91
N GLU B 153 -33.18 1.71 4.12
CA GLU B 153 -33.98 1.08 5.20
C GLU B 153 -35.17 2.01 5.52
N ARG B 154 -34.90 3.28 5.76
CA ARG B 154 -35.93 4.31 6.12
C ARG B 154 -36.91 4.47 4.97
N LEU B 155 -36.39 4.55 3.73
CA LEU B 155 -37.19 4.64 2.48
C LEU B 155 -38.18 3.46 2.40
N CYS B 156 -37.74 2.24 2.74
CA CYS B 156 -38.56 1.01 2.61
C CYS B 156 -39.64 0.98 3.71
N GLN B 157 -39.32 1.42 4.93
CA GLN B 157 -40.29 1.47 6.06
C GLN B 157 -41.40 2.49 5.75
N ALA B 158 -41.01 3.62 5.13
CA ALA B 158 -41.90 4.77 4.83
C ALA B 158 -42.85 4.45 3.67
N PHE B 159 -42.36 3.78 2.62
CA PHE B 159 -43.07 3.62 1.33
C PHE B 159 -43.37 2.16 0.97
N GLY B 160 -42.67 1.20 1.57
CA GLY B 160 -42.76 -0.23 1.21
C GLY B 160 -43.70 -1.01 2.11
N PRO B 161 -44.33 -2.09 1.64
CA PRO B 161 -45.20 -2.93 2.48
C PRO B 161 -44.43 -3.63 3.62
N ARG B 162 -44.98 -3.62 4.84
CA ARG B 162 -44.46 -4.43 5.96
C ARG B 162 -44.58 -5.91 5.57
N LEU B 163 -43.52 -6.67 5.78
CA LEU B 163 -43.46 -8.13 5.46
C LEU B 163 -43.60 -8.95 6.75
N ILE B 164 -42.73 -8.70 7.73
CA ILE B 164 -42.66 -9.47 8.99
C ILE B 164 -41.76 -8.70 9.98
N GLN B 165 -41.88 -9.01 11.27
CA GLN B 165 -40.95 -8.53 12.32
C GLN B 165 -40.24 -9.74 12.93
N LEU B 166 -38.91 -9.69 13.01
CA LEU B 166 -38.05 -10.67 13.72
C LEU B 166 -37.23 -9.90 14.76
N ASP B 167 -37.36 -10.28 16.04
CA ASP B 167 -36.78 -9.53 17.19
C ASP B 167 -37.26 -8.08 17.07
N ASP B 168 -36.36 -7.09 17.13
CA ASP B 168 -36.72 -5.65 17.04
C ASP B 168 -36.54 -5.12 15.61
N VAL B 169 -36.49 -6.00 14.60
CA VAL B 169 -36.24 -5.63 13.17
C VAL B 169 -37.53 -5.85 12.38
N THR B 170 -38.10 -4.77 11.83
CA THR B 170 -39.29 -4.80 10.94
C THR B 170 -38.81 -4.74 9.49
N TYR B 171 -39.11 -5.77 8.71
CA TYR B 171 -38.67 -5.96 7.31
C TYR B 171 -39.77 -5.44 6.38
N HIS B 172 -39.41 -4.52 5.48
CA HIS B 172 -40.31 -3.96 4.43
C HIS B 172 -39.77 -4.34 3.04
N GLY B 173 -40.66 -4.67 2.11
CA GLY B 173 -40.35 -4.83 0.67
C GLY B 173 -40.02 -3.48 0.06
N PHE B 174 -39.34 -3.47 -1.09
CA PHE B 174 -38.95 -2.22 -1.78
C PHE B 174 -40.20 -1.58 -2.34
N PRO B 175 -40.34 -0.24 -2.31
CA PRO B 175 -41.52 0.42 -2.87
C PRO B 175 -41.63 0.20 -4.38
N ASN B 176 -42.87 0.22 -4.90
CA ASN B 176 -43.13 0.32 -6.35
C ASN B 176 -42.97 1.79 -6.78
N LEU B 177 -42.89 2.03 -8.08
CA LEU B 177 -42.66 3.36 -8.70
C LEU B 177 -43.77 4.33 -8.26
N HIS B 178 -45.03 3.87 -8.26
CA HIS B 178 -46.21 4.71 -7.95
C HIS B 178 -46.04 5.39 -6.58
N ALA B 179 -45.55 4.64 -5.59
CA ALA B 179 -45.35 5.12 -4.20
C ALA B 179 -44.28 6.21 -4.16
N LEU B 180 -43.22 6.10 -4.98
CA LEU B 180 -42.06 7.03 -4.97
C LEU B 180 -42.36 8.26 -5.84
N ALA B 181 -43.40 8.20 -6.68
CA ALA B 181 -43.74 9.22 -7.69
C ALA B 181 -44.75 10.26 -7.15
N GLY B 182 -45.33 10.02 -5.97
CA GLY B 182 -46.42 10.85 -5.40
C GLY B 182 -45.99 12.29 -5.10
N PRO B 183 -46.95 13.22 -4.89
CA PRO B 183 -46.65 14.63 -4.62
C PRO B 183 -45.89 14.87 -3.31
N GLU B 184 -46.10 14.02 -2.30
CA GLU B 184 -45.44 14.07 -0.96
C GLU B 184 -44.00 13.54 -1.02
N ALA B 185 -43.70 12.67 -1.99
CA ALA B 185 -42.54 11.76 -2.01
C ALA B 185 -41.25 12.53 -1.68
N GLU B 186 -41.00 13.66 -2.34
CA GLU B 186 -39.72 14.41 -2.19
C GLU B 186 -39.62 14.98 -0.77
N THR B 187 -40.67 15.66 -0.29
CA THR B 187 -40.73 16.26 1.07
C THR B 187 -40.42 15.17 2.10
N HIS B 188 -41.17 14.05 2.04
CA HIS B 188 -41.03 12.88 2.95
C HIS B 188 -39.57 12.38 2.93
N LEU B 189 -39.04 12.06 1.74
CA LEU B 189 -37.70 11.47 1.55
C LEU B 189 -36.62 12.42 2.09
N ARG B 190 -36.83 13.74 1.99
CA ARG B 190 -35.88 14.78 2.50
C ARG B 190 -35.82 14.69 4.02
N LYS B 191 -36.96 14.47 4.69
CA LYS B 191 -37.05 14.29 6.16
C LYS B 191 -36.25 13.04 6.56
N LEU B 192 -36.31 11.99 5.73
CA LEU B 192 -35.62 10.70 5.97
C LEU B 192 -34.11 10.83 5.67
N GLY B 193 -33.65 12.02 5.29
CA GLY B 193 -32.22 12.41 5.25
C GLY B 193 -31.57 12.20 3.90
N LEU B 194 -32.35 12.06 2.80
CA LEU B 194 -31.83 11.74 1.44
C LEU B 194 -31.19 13.00 0.83
N GLY B 195 -31.58 14.18 1.28
CA GLY B 195 -31.06 15.47 0.76
C GLY B 195 -31.49 15.65 -0.68
N TYR B 196 -30.58 16.08 -1.56
CA TYR B 196 -30.81 16.34 -3.00
C TYR B 196 -31.25 15.06 -3.73
N ARG B 197 -30.86 13.88 -3.22
CA ARG B 197 -31.13 12.56 -3.85
C ARG B 197 -32.64 12.29 -3.86
N ALA B 198 -33.36 12.86 -2.89
CA ALA B 198 -34.83 12.76 -2.74
C ALA B 198 -35.51 13.26 -4.02
N ARG B 199 -34.98 14.30 -4.68
CA ARG B 199 -35.56 14.89 -5.91
C ARG B 199 -35.41 13.89 -7.06
N TYR B 200 -34.21 13.32 -7.20
CA TYR B 200 -33.86 12.37 -8.29
C TYR B 200 -34.73 11.12 -8.18
N VAL B 201 -35.03 10.69 -6.94
CA VAL B 201 -35.85 9.49 -6.66
C VAL B 201 -37.27 9.73 -7.14
N ARG B 202 -37.91 10.82 -6.71
CA ARG B 202 -39.29 11.15 -7.13
C ARG B 202 -39.32 11.33 -8.65
N ALA B 203 -38.42 12.16 -9.19
CA ALA B 203 -38.38 12.53 -10.63
C ALA B 203 -38.15 11.28 -11.49
N SER B 204 -37.25 10.38 -11.10
CA SER B 204 -36.94 9.16 -11.88
C SER B 204 -38.13 8.20 -11.87
N ALA B 205 -38.84 8.11 -10.74
CA ALA B 205 -40.06 7.29 -10.58
C ALA B 205 -41.13 7.83 -11.55
N LYS B 206 -41.41 9.13 -11.48
CA LYS B 206 -42.35 9.83 -12.41
C LYS B 206 -41.92 9.56 -13.85
N ALA B 207 -40.65 9.76 -14.18
CA ALA B 207 -40.09 9.61 -15.54
C ALA B 207 -40.35 8.19 -16.07
N ILE B 208 -40.08 7.15 -15.27
CA ILE B 208 -40.23 5.74 -15.75
C ILE B 208 -41.72 5.46 -15.98
N LEU B 209 -42.61 5.94 -15.10
CA LEU B 209 -44.08 5.71 -15.21
C LEU B 209 -44.64 6.43 -16.45
N GLU B 210 -44.41 7.74 -16.54
CA GLU B 210 -45.07 8.65 -17.53
C GLU B 210 -44.36 8.55 -18.89
N GLU B 211 -43.02 8.65 -18.93
CA GLU B 211 -42.21 8.77 -20.16
C GLU B 211 -41.85 7.41 -20.74
N GLN B 212 -41.82 6.33 -19.93
CA GLN B 212 -41.20 5.04 -20.35
C GLN B 212 -42.15 3.84 -20.16
N GLY B 213 -43.35 4.04 -19.60
CA GLY B 213 -44.41 3.02 -19.53
C GLY B 213 -44.16 1.97 -18.45
N GLY B 214 -43.61 2.36 -17.29
CA GLY B 214 -43.56 1.55 -16.06
C GLY B 214 -42.35 0.62 -15.98
N PRO B 215 -42.35 -0.36 -15.05
CA PRO B 215 -41.16 -1.16 -14.73
C PRO B 215 -40.79 -2.20 -15.81
N ALA B 216 -41.68 -2.45 -16.76
CA ALA B 216 -41.44 -3.31 -17.95
C ALA B 216 -40.32 -2.70 -18.82
N TRP B 217 -40.10 -1.38 -18.71
CA TRP B 217 -38.99 -0.67 -19.38
C TRP B 217 -37.64 -1.17 -18.86
N LEU B 218 -37.49 -1.29 -17.54
CA LEU B 218 -36.23 -1.77 -16.90
C LEU B 218 -35.98 -3.23 -17.31
N GLN B 219 -37.05 -4.02 -17.49
CA GLN B 219 -36.95 -5.42 -17.99
C GLN B 219 -36.49 -5.43 -19.46
N GLN B 220 -36.95 -4.47 -20.28
CA GLN B 220 -36.51 -4.33 -21.70
C GLN B 220 -35.00 -4.06 -21.75
N LEU B 221 -34.49 -3.24 -20.82
CA LEU B 221 -33.05 -2.86 -20.76
C LEU B 221 -32.20 -4.06 -20.35
N ARG B 222 -32.77 -5.01 -19.59
CA ARG B 222 -32.11 -6.28 -19.20
C ARG B 222 -31.79 -7.11 -20.45
N VAL B 223 -32.66 -7.06 -21.46
CA VAL B 223 -32.55 -7.81 -22.74
C VAL B 223 -31.75 -7.00 -23.76
N ALA B 224 -31.88 -5.67 -23.74
CA ALA B 224 -31.18 -4.73 -24.65
C ALA B 224 -29.66 -4.85 -24.46
N PRO B 225 -28.84 -4.52 -25.49
CA PRO B 225 -27.39 -4.51 -25.34
C PRO B 225 -26.91 -3.47 -24.32
N TYR B 226 -25.75 -3.73 -23.69
CA TYR B 226 -25.11 -2.91 -22.65
C TYR B 226 -25.20 -1.42 -23.00
N GLU B 227 -24.72 -1.06 -24.19
CA GLU B 227 -24.50 0.36 -24.59
C GLU B 227 -25.86 1.06 -24.72
N GLU B 228 -26.88 0.40 -25.24
CA GLU B 228 -28.26 0.96 -25.39
C GLU B 228 -28.88 1.16 -23.99
N ALA B 229 -28.74 0.17 -23.11
CA ALA B 229 -29.27 0.18 -21.74
C ALA B 229 -28.63 1.33 -20.95
N HIS B 230 -27.32 1.49 -21.07
CA HIS B 230 -26.52 2.52 -20.36
C HIS B 230 -27.01 3.91 -20.75
N LYS B 231 -27.10 4.18 -22.06
CA LYS B 231 -27.56 5.48 -22.62
C LYS B 231 -28.97 5.77 -22.11
N ALA B 232 -29.84 4.76 -22.08
CA ALA B 232 -31.26 4.87 -21.70
C ALA B 232 -31.38 5.26 -20.21
N LEU B 233 -30.61 4.59 -19.35
CA LEU B 233 -30.55 4.93 -17.91
C LEU B 233 -30.07 6.38 -17.70
N CYS B 234 -29.11 6.83 -18.51
CA CYS B 234 -28.48 8.18 -18.36
C CYS B 234 -29.49 9.29 -18.69
N THR B 235 -30.63 8.98 -19.30
CA THR B 235 -31.72 9.97 -19.56
C THR B 235 -32.54 10.22 -18.29
N LEU B 236 -32.32 9.47 -17.21
CA LEU B 236 -33.12 9.60 -15.96
C LEU B 236 -32.49 10.64 -15.05
N PRO B 237 -33.30 11.44 -14.33
CA PRO B 237 -32.79 12.36 -13.31
C PRO B 237 -31.93 11.65 -12.25
N GLY B 238 -30.71 12.13 -12.05
CA GLY B 238 -29.77 11.65 -11.00
C GLY B 238 -29.00 10.40 -11.44
N VAL B 239 -29.20 9.95 -12.68
CA VAL B 239 -28.45 8.78 -13.25
C VAL B 239 -27.46 9.30 -14.29
N GLY B 240 -26.18 9.30 -13.93
CA GLY B 240 -25.03 9.52 -14.85
C GLY B 240 -24.32 8.20 -15.12
N ALA B 241 -23.14 8.27 -15.75
CA ALA B 241 -22.40 7.10 -16.26
C ALA B 241 -22.13 6.11 -15.14
N LYS B 242 -21.73 6.59 -13.95
CA LYS B 242 -21.34 5.72 -12.81
C LYS B 242 -22.56 4.90 -12.33
N VAL B 243 -23.68 5.56 -12.07
CA VAL B 243 -24.92 4.91 -11.53
C VAL B 243 -25.47 3.96 -12.60
N ALA B 244 -25.48 4.39 -13.87
CA ALA B 244 -25.97 3.57 -15.01
C ALA B 244 -25.14 2.29 -15.14
N ASP B 245 -23.84 2.37 -14.84
CA ASP B 245 -22.92 1.20 -14.94
C ASP B 245 -23.16 0.26 -13.75
N CYS B 246 -23.44 0.80 -12.58
CA CYS B 246 -23.78 0.01 -11.37
C CYS B 246 -25.03 -0.83 -11.69
N ILE B 247 -26.08 -0.18 -12.19
CA ILE B 247 -27.39 -0.83 -12.50
C ILE B 247 -27.18 -1.89 -13.59
N CYS B 248 -26.48 -1.54 -14.67
CA CYS B 248 -26.13 -2.45 -15.79
C CYS B 248 -25.48 -3.74 -15.26
N LEU B 249 -24.47 -3.59 -14.40
CA LEU B 249 -23.67 -4.72 -13.87
C LEU B 249 -24.51 -5.57 -12.89
N MET B 250 -25.29 -4.91 -12.04
CA MET B 250 -25.86 -5.55 -10.82
C MET B 250 -27.31 -5.98 -11.04
N ALA B 251 -28.00 -5.49 -12.07
CA ALA B 251 -29.43 -5.77 -12.28
C ALA B 251 -29.79 -6.06 -13.75
N LEU B 252 -29.03 -5.57 -14.73
CA LEU B 252 -29.40 -5.71 -16.17
C LEU B 252 -28.47 -6.70 -16.89
N ASP B 253 -27.79 -7.59 -16.14
CA ASP B 253 -27.00 -8.73 -16.69
C ASP B 253 -25.99 -8.23 -17.75
N LYS B 254 -25.26 -7.16 -17.44
CA LYS B 254 -24.15 -6.61 -18.26
C LYS B 254 -22.85 -6.80 -17.51
N PRO B 255 -22.24 -8.01 -17.54
CA PRO B 255 -21.04 -8.29 -16.75
C PRO B 255 -19.81 -7.43 -17.11
N GLN B 256 -19.83 -6.76 -18.26
CA GLN B 256 -18.68 -5.95 -18.78
C GLN B 256 -18.77 -4.50 -18.29
N ALA B 257 -19.87 -4.12 -17.65
CA ALA B 257 -20.05 -2.76 -17.08
C ALA B 257 -19.05 -2.55 -15.96
N VAL B 258 -18.28 -1.46 -16.03
CA VAL B 258 -17.22 -1.08 -15.05
C VAL B 258 -17.56 0.31 -14.53
N PRO B 259 -18.29 0.44 -13.40
CA PRO B 259 -18.60 1.74 -12.82
C PRO B 259 -17.30 2.46 -12.45
N VAL B 260 -17.11 3.67 -12.97
CA VAL B 260 -15.88 4.47 -12.73
C VAL B 260 -16.23 5.70 -11.90
N ASP B 261 -15.44 5.95 -10.85
CA ASP B 261 -15.45 7.20 -10.05
C ASP B 261 -14.07 7.33 -9.39
N VAL B 262 -13.89 8.29 -8.50
CA VAL B 262 -12.61 8.62 -7.82
C VAL B 262 -11.99 7.34 -7.22
N HIS B 263 -12.82 6.40 -6.73
CA HIS B 263 -12.39 5.15 -6.05
C HIS B 263 -11.69 4.22 -7.05
N VAL B 264 -12.22 4.12 -8.27
CA VAL B 264 -11.67 3.23 -9.34
C VAL B 264 -10.44 3.89 -9.95
N TRP B 265 -10.48 5.23 -10.09
CA TRP B 265 -9.34 6.06 -10.52
C TRP B 265 -8.12 5.80 -9.64
N GLN B 266 -8.33 5.77 -8.32
CA GLN B 266 -7.28 5.59 -7.27
C GLN B 266 -6.62 4.22 -7.46
N ILE B 267 -7.43 3.15 -7.53
CA ILE B 267 -6.96 1.75 -7.75
C ILE B 267 -6.19 1.69 -9.08
N ALA B 268 -6.81 2.13 -10.17
CA ALA B 268 -6.26 2.09 -11.55
C ALA B 268 -4.86 2.75 -11.58
N HIS B 269 -4.76 3.96 -11.04
CA HIS B 269 -3.52 4.76 -11.01
C HIS B 269 -2.47 4.08 -10.10
N ARG B 270 -2.83 3.72 -8.87
CA ARG B 270 -1.87 3.19 -7.87
C ARG B 270 -1.44 1.77 -8.26
N ASP B 271 -2.39 0.89 -8.58
CA ASP B 271 -2.18 -0.57 -8.67
C ASP B 271 -1.88 -1.01 -10.12
N TYR B 272 -2.21 -0.19 -11.13
CA TYR B 272 -2.01 -0.52 -12.57
C TYR B 272 -1.15 0.53 -13.27
N GLY B 273 -0.80 1.64 -12.61
CA GLY B 273 -0.01 2.72 -13.20
C GLY B 273 -0.72 3.37 -14.39
N TRP B 274 -2.05 3.36 -14.42
CA TRP B 274 -2.86 3.93 -15.52
C TRP B 274 -2.98 5.45 -15.37
N HIS B 275 -2.73 6.17 -16.46
CA HIS B 275 -3.09 7.60 -16.68
C HIS B 275 -3.93 7.65 -17.94
N PRO B 276 -4.81 8.68 -18.11
CA PRO B 276 -5.54 8.82 -19.37
C PRO B 276 -4.56 9.08 -20.52
N LYS B 277 -4.77 8.43 -21.67
CA LYS B 277 -4.02 8.68 -22.94
C LYS B 277 -4.74 9.81 -23.70
N THR B 278 -4.72 11.00 -23.08
CA THR B 278 -5.51 12.21 -23.48
C THR B 278 -4.74 13.47 -23.03
N GLY B 283 -6.94 14.16 -14.57
CA GLY B 283 -7.99 14.06 -13.53
C GLY B 283 -9.31 13.57 -14.10
N PRO B 284 -10.27 13.12 -13.26
CA PRO B 284 -11.55 12.59 -13.74
C PRO B 284 -12.36 13.57 -14.62
N SER B 285 -12.72 13.12 -15.82
CA SER B 285 -13.64 13.75 -16.78
C SER B 285 -14.59 12.67 -17.30
N PRO B 286 -15.71 13.02 -17.98
CA PRO B 286 -16.58 12.00 -18.56
C PRO B 286 -15.83 11.10 -19.58
N LEU B 287 -14.97 11.71 -20.40
CA LEU B 287 -14.25 11.02 -21.50
C LEU B 287 -13.14 10.12 -20.92
N ALA B 288 -12.43 10.59 -19.89
CA ALA B 288 -11.35 9.83 -19.22
C ALA B 288 -11.95 8.66 -18.44
N ASN B 289 -13.10 8.88 -17.80
CA ASN B 289 -13.86 7.81 -17.07
C ASN B 289 -14.21 6.69 -18.05
N LYS B 290 -14.76 7.03 -19.22
CA LYS B 290 -15.11 6.04 -20.29
C LYS B 290 -13.83 5.31 -20.71
N GLU B 291 -12.72 6.04 -20.86
CA GLU B 291 -11.40 5.48 -21.26
C GLU B 291 -10.99 4.42 -20.23
N LEU B 292 -11.15 4.72 -18.93
CA LEU B 292 -10.72 3.82 -17.84
C LEU B 292 -11.59 2.57 -17.81
N GLY B 293 -12.90 2.71 -18.08
CA GLY B 293 -13.83 1.59 -18.24
C GLY B 293 -13.39 0.68 -19.37
N ASN B 294 -13.00 1.26 -20.51
CA ASN B 294 -12.52 0.53 -21.71
C ASN B 294 -11.23 -0.22 -21.37
N PHE B 295 -10.31 0.43 -20.62
CA PHE B 295 -9.02 -0.18 -20.19
C PHE B 295 -9.28 -1.51 -19.48
N PHE B 296 -10.23 -1.55 -18.55
CA PHE B 296 -10.51 -2.73 -17.69
C PHE B 296 -11.24 -3.80 -18.50
N ARG B 297 -12.11 -3.39 -19.45
CA ARG B 297 -12.76 -4.36 -20.39
C ARG B 297 -11.68 -5.00 -21.28
N ASN B 298 -10.76 -4.20 -21.80
CA ASN B 298 -9.62 -4.67 -22.64
C ASN B 298 -8.76 -5.66 -21.84
N LEU B 299 -8.51 -5.39 -20.56
CA LEU B 299 -7.60 -6.19 -19.70
C LEU B 299 -8.27 -7.51 -19.30
N TRP B 300 -9.50 -7.45 -18.77
CA TRP B 300 -10.17 -8.58 -18.06
C TRP B 300 -11.16 -9.32 -18.98
N GLY B 301 -11.70 -8.63 -19.99
CA GLY B 301 -12.64 -9.23 -20.95
C GLY B 301 -14.09 -8.93 -20.59
N PRO B 302 -15.05 -9.79 -21.02
CA PRO B 302 -16.46 -9.45 -20.93
C PRO B 302 -17.10 -9.59 -19.54
N TYR B 303 -16.35 -10.05 -18.54
CA TYR B 303 -16.78 -10.08 -17.10
C TYR B 303 -15.93 -9.09 -16.28
N ALA B 304 -15.55 -7.95 -16.87
CA ALA B 304 -14.69 -6.91 -16.26
C ALA B 304 -15.29 -6.40 -14.94
N GLY B 305 -16.59 -6.10 -14.93
CA GLY B 305 -17.33 -5.66 -13.73
C GLY B 305 -17.16 -6.63 -12.57
N TRP B 306 -17.14 -7.94 -12.85
CA TRP B 306 -17.02 -9.00 -11.81
C TRP B 306 -15.62 -8.98 -11.21
N ALA B 307 -14.59 -8.81 -12.05
CA ALA B 307 -13.18 -8.69 -11.64
C ALA B 307 -13.01 -7.45 -10.75
N GLN B 308 -13.65 -6.34 -11.13
CA GLN B 308 -13.65 -5.07 -10.37
C GLN B 308 -14.17 -5.32 -8.96
N ALA B 309 -15.28 -6.03 -8.84
CA ALA B 309 -15.94 -6.36 -7.55
C ALA B 309 -14.94 -7.05 -6.62
N VAL B 310 -14.09 -7.93 -7.15
CA VAL B 310 -13.04 -8.64 -6.36
C VAL B 310 -12.06 -7.61 -5.80
N LEU B 311 -11.63 -6.64 -6.60
CA LEU B 311 -10.65 -5.61 -6.17
C LEU B 311 -11.27 -4.67 -5.13
N PHE B 312 -12.54 -4.28 -5.31
CA PHE B 312 -13.30 -3.44 -4.35
C PHE B 312 -13.40 -4.16 -3.00
N SER B 313 -13.79 -5.43 -3.01
CA SER B 313 -13.95 -6.27 -1.80
C SER B 313 -12.61 -6.41 -1.09
N ALA B 314 -11.51 -6.49 -1.84
CA ALA B 314 -10.13 -6.62 -1.32
C ALA B 314 -9.61 -5.27 -0.79
N ASP B 315 -10.07 -4.15 -1.36
CA ASP B 315 -9.65 -2.78 -0.95
C ASP B 315 -10.36 -2.40 0.35
N LEU B 316 -11.64 -2.73 0.49
CA LEU B 316 -12.52 -2.40 1.66
C LEU B 316 -12.15 -3.29 2.86
N ARG B 317 -11.61 -4.49 2.61
CA ARG B 317 -11.09 -5.47 3.60
C ARG B 317 -12.24 -5.94 4.49
N SER C 2 20.59 20.61 46.52
CA SER C 2 19.75 19.36 46.53
C SER C 2 19.56 18.82 45.10
N HIS C 3 19.81 17.52 44.90
CA HIS C 3 19.69 16.87 43.58
C HIS C 3 18.20 16.75 43.22
N MET C 4 17.81 17.45 42.15
CA MET C 4 16.40 17.47 41.67
C MET C 4 16.22 16.46 40.53
N ARG C 5 15.07 15.79 40.54
CA ARG C 5 14.72 14.68 39.63
C ARG C 5 13.52 15.07 38.76
N HIS C 6 13.43 14.46 37.58
CA HIS C 6 12.21 14.53 36.71
C HIS C 6 11.02 13.96 37.48
N ARG C 7 9.93 14.72 37.60
CA ARG C 7 8.72 14.33 38.34
C ARG C 7 7.91 13.31 37.51
N THR C 8 7.23 12.40 38.19
CA THR C 8 6.14 11.55 37.64
C THR C 8 4.85 11.88 38.40
N LEU C 9 3.69 11.50 37.84
CA LEU C 9 2.35 11.91 38.36
C LEU C 9 2.05 11.27 39.73
N SER C 10 2.52 10.05 39.99
CA SER C 10 2.31 9.31 41.27
C SER C 10 3.31 9.74 42.34
N SER C 11 4.42 10.38 41.95
CA SER C 11 5.60 10.67 42.80
C SER C 11 5.38 11.95 43.61
N SER C 12 4.65 12.92 43.05
CA SER C 12 4.56 14.30 43.61
C SER C 12 3.25 14.97 43.15
N PRO C 13 2.08 14.33 43.36
CA PRO C 13 0.82 14.81 42.81
C PRO C 13 0.34 16.17 43.35
N ALA C 14 0.99 16.66 44.43
CA ALA C 14 0.76 18.01 45.01
C ALA C 14 1.11 19.10 43.98
N LEU C 15 2.14 18.84 43.14
CA LEU C 15 2.77 19.85 42.25
C LEU C 15 2.18 19.82 40.84
N TRP C 16 1.22 18.92 40.55
CA TRP C 16 0.54 18.79 39.24
C TRP C 16 -0.82 19.49 39.26
N ALA C 17 -1.15 20.20 38.18
CA ALA C 17 -2.51 20.66 37.82
C ALA C 17 -2.98 19.86 36.62
N SER C 18 -4.27 19.95 36.30
CA SER C 18 -4.90 19.23 35.17
C SER C 18 -5.67 20.23 34.29
N ILE C 19 -5.72 19.94 33.00
CA ILE C 19 -6.63 20.59 32.02
C ILE C 19 -7.56 19.49 31.51
N PRO C 20 -8.90 19.70 31.50
CA PRO C 20 -9.81 18.70 30.92
C PRO C 20 -9.52 18.61 29.42
N CYS C 21 -9.09 17.44 28.95
CA CYS C 21 -8.61 17.22 27.56
C CYS C 21 -8.66 15.74 27.19
N PRO C 22 -9.64 15.32 26.35
CA PRO C 22 -9.68 13.95 25.86
C PRO C 22 -8.40 13.57 25.09
N ARG C 23 -7.96 12.32 25.19
CA ARG C 23 -6.81 11.75 24.44
C ARG C 23 -7.12 11.80 22.92
N SER C 24 -8.39 11.93 22.54
CA SER C 24 -8.85 12.08 21.14
C SER C 24 -8.61 13.52 20.63
N GLU C 25 -8.48 14.50 21.52
CA GLU C 25 -8.18 15.93 21.19
C GLU C 25 -6.66 16.18 21.19
N LEU C 26 -5.88 15.29 21.80
CA LEU C 26 -4.40 15.47 21.94
C LEU C 26 -3.77 14.15 22.41
N ARG C 27 -2.88 13.60 21.60
CA ARG C 27 -1.95 12.50 21.99
C ARG C 27 -0.54 13.10 22.05
N LEU C 28 -0.02 13.30 23.25
CA LEU C 28 1.33 13.87 23.50
C LEU C 28 2.35 13.08 22.67
N ASP C 29 2.22 11.75 22.63
CA ASP C 29 3.22 10.81 22.04
C ASP C 29 3.28 10.95 20.52
N LEU C 30 2.26 11.56 19.90
CA LEU C 30 2.18 11.77 18.42
C LEU C 30 2.60 13.19 18.05
N VAL C 31 2.56 14.13 19.00
CA VAL C 31 2.69 15.60 18.74
C VAL C 31 4.07 16.12 19.19
N LEU C 32 4.68 15.57 20.23
CA LEU C 32 5.84 16.21 20.93
C LEU C 32 7.19 15.74 20.35
N ALA C 33 7.24 14.66 19.57
CA ALA C 33 8.49 14.17 18.94
C ALA C 33 8.26 13.79 17.48
N SER C 34 7.30 14.45 16.81
CA SER C 34 6.91 14.19 15.40
C SER C 34 7.49 15.28 14.49
N GLY C 35 8.49 16.03 14.95
CA GLY C 35 9.25 17.01 14.13
C GLY C 35 8.54 18.36 13.99
N GLN C 36 7.68 18.72 14.94
CA GLN C 36 7.14 20.09 15.12
C GLN C 36 8.11 20.87 16.01
N SER C 37 8.21 20.44 17.28
CA SER C 37 9.16 20.91 18.32
C SER C 37 10.25 19.86 18.48
N PHE C 38 11.48 20.28 18.83
CA PHE C 38 12.65 19.38 18.99
C PHE C 38 13.16 19.46 20.44
N ARG C 39 12.29 19.86 21.37
CA ARG C 39 12.68 20.24 22.76
C ARG C 39 11.95 19.38 23.80
N TRP C 40 11.20 18.36 23.38
CA TRP C 40 10.47 17.43 24.30
C TRP C 40 11.09 16.03 24.22
N LYS C 41 11.42 15.44 25.38
CA LYS C 41 11.83 14.01 25.51
C LYS C 41 10.96 13.33 26.56
N GLU C 42 10.62 12.06 26.32
CA GLU C 42 9.94 11.15 27.27
C GLU C 42 10.99 10.63 28.25
N GLN C 43 11.28 11.38 29.33
CA GLN C 43 12.41 11.09 30.26
C GLN C 43 12.05 9.88 31.14
N SER C 44 10.77 9.73 31.49
CA SER C 44 10.20 8.47 32.05
C SER C 44 8.91 8.14 31.29
N PRO C 45 8.46 6.87 31.30
CA PRO C 45 7.32 6.45 30.46
C PRO C 45 6.07 7.33 30.64
N ALA C 46 5.50 7.81 29.53
CA ALA C 46 4.26 8.61 29.45
C ALA C 46 4.47 10.03 30.00
N HIS C 47 5.70 10.40 30.35
CA HIS C 47 6.06 11.71 30.97
C HIS C 47 7.00 12.49 30.04
N TRP C 48 6.51 13.57 29.45
CA TRP C 48 7.22 14.39 28.42
C TRP C 48 7.76 15.66 29.08
N SER C 49 9.08 15.84 29.07
CA SER C 49 9.77 16.99 29.69
C SER C 49 10.44 17.85 28.61
N GLY C 50 10.34 19.18 28.74
CA GLY C 50 10.88 20.13 27.76
C GLY C 50 10.65 21.57 28.18
N VAL C 51 11.18 22.51 27.39
CA VAL C 51 11.19 23.97 27.70
C VAL C 51 10.07 24.70 26.95
N LEU C 52 9.32 25.54 27.66
CA LEU C 52 8.42 26.60 27.13
C LEU C 52 8.81 27.92 27.76
N ALA C 53 9.30 28.87 26.97
CA ALA C 53 9.50 30.28 27.36
C ALA C 53 10.27 30.36 28.68
N ASP C 54 11.49 29.79 28.71
CA ASP C 54 12.43 29.88 29.86
C ASP C 54 11.82 29.26 31.12
N GLN C 55 10.98 28.24 30.97
CA GLN C 55 10.48 27.36 32.07
C GLN C 55 10.49 25.92 31.58
N VAL C 56 10.88 24.97 32.43
CA VAL C 56 10.80 23.52 32.11
C VAL C 56 9.43 23.00 32.59
N TRP C 57 8.82 22.11 31.79
CA TRP C 57 7.52 21.47 32.07
C TRP C 57 7.70 19.95 31.98
N THR C 58 6.90 19.20 32.76
CA THR C 58 6.63 17.77 32.50
C THR C 58 5.13 17.60 32.25
N LEU C 59 4.78 16.82 31.22
CA LEU C 59 3.39 16.61 30.75
C LEU C 59 3.12 15.10 30.70
N THR C 60 1.90 14.71 31.09
CA THR C 60 1.38 13.33 30.98
C THR C 60 -0.14 13.44 30.90
N GLN C 61 -0.81 12.40 30.41
CA GLN C 61 -2.29 12.43 30.20
C GLN C 61 -2.92 11.07 30.53
N THR C 62 -4.15 11.14 31.06
CA THR C 62 -5.11 10.01 31.15
C THR C 62 -6.04 10.11 29.93
N GLU C 63 -7.14 9.37 29.91
CA GLU C 63 -8.08 9.33 28.76
C GLU C 63 -8.82 10.66 28.63
N ASP C 64 -8.95 11.42 29.73
CA ASP C 64 -9.83 12.62 29.79
C ASP C 64 -9.09 13.86 30.30
N GLN C 65 -7.85 13.73 30.79
CA GLN C 65 -7.13 14.84 31.50
C GLN C 65 -5.68 15.00 30.98
N LEU C 66 -5.25 16.26 30.81
CA LEU C 66 -3.84 16.67 30.56
C LEU C 66 -3.25 17.17 31.88
N TYR C 67 -2.31 16.41 32.45
CA TYR C 67 -1.62 16.69 33.73
C TYR C 67 -0.29 17.37 33.41
N CYS C 68 -0.04 18.54 34.00
CA CYS C 68 1.20 19.34 33.79
C CYS C 68 1.81 19.77 35.14
N THR C 69 3.14 19.75 35.22
CA THR C 69 3.93 20.32 36.34
C THR C 69 5.04 21.20 35.76
N VAL C 70 5.35 22.30 36.46
CA VAL C 70 6.35 23.33 36.02
C VAL C 70 7.45 23.43 37.09
N TYR C 71 8.71 23.50 36.66
CA TYR C 71 9.90 23.69 37.52
C TYR C 71 10.41 25.14 37.37
N ARG C 72 10.40 25.90 38.47
CA ARG C 72 10.86 27.31 38.52
C ARG C 72 12.22 27.37 39.21
N VAL C 78 8.64 25.39 44.94
CA VAL C 78 7.92 24.08 44.87
C VAL C 78 6.43 24.34 45.06
N SER C 79 5.78 24.77 43.97
CA SER C 79 4.34 25.09 43.87
C SER C 79 3.76 24.49 42.58
N ARG C 80 2.45 24.25 42.57
CA ARG C 80 1.70 23.68 41.41
C ARG C 80 1.56 24.79 40.36
N PRO C 81 1.43 24.47 39.04
CA PRO C 81 1.26 25.51 38.02
C PRO C 81 0.15 26.51 38.33
N THR C 82 0.39 27.80 38.07
CA THR C 82 -0.60 28.90 38.30
C THR C 82 -1.66 28.82 37.20
N LEU C 83 -2.66 29.70 37.25
CA LEU C 83 -3.74 29.79 36.23
C LEU C 83 -3.14 30.33 34.91
N GLU C 84 -2.38 31.42 34.99
CA GLU C 84 -1.72 32.08 33.81
C GLU C 84 -0.80 31.07 33.11
N GLU C 85 -0.10 30.23 33.87
CA GLU C 85 0.84 29.19 33.35
C GLU C 85 0.04 28.07 32.65
N LEU C 86 -1.11 27.68 33.21
CA LEU C 86 -2.03 26.69 32.59
C LEU C 86 -2.54 27.26 31.26
N GLU C 87 -2.80 28.57 31.20
CA GLU C 87 -3.38 29.26 30.02
C GLU C 87 -2.36 29.29 28.88
N THR C 88 -1.07 29.49 29.17
CA THR C 88 0.01 29.49 28.15
C THR C 88 0.15 28.07 27.58
N LEU C 89 -0.14 27.05 28.38
CA LEU C 89 -0.10 25.63 27.94
C LEU C 89 -1.33 25.33 27.09
N HIS C 90 -2.49 25.91 27.42
CA HIS C 90 -3.76 25.80 26.63
C HIS C 90 -3.57 26.47 25.26
N LYS C 91 -2.87 27.60 25.21
CA LYS C 91 -2.50 28.32 23.97
C LYS C 91 -1.54 27.46 23.12
N TYR C 92 -0.53 26.86 23.76
CA TYR C 92 0.57 26.09 23.11
C TYR C 92 -0.02 24.92 22.32
N PHE C 93 -1.04 24.25 22.88
CA PHE C 93 -1.72 23.08 22.27
C PHE C 93 -2.97 23.53 21.50
N GLN C 94 -3.22 24.84 21.42
CA GLN C 94 -4.36 25.44 20.67
C GLN C 94 -5.63 24.62 20.93
N LEU C 95 -5.95 24.40 22.20
CA LEU C 95 -7.04 23.48 22.64
C LEU C 95 -8.41 24.12 22.39
N ASP C 96 -8.47 25.43 22.13
CA ASP C 96 -9.67 26.14 21.63
C ASP C 96 -10.19 25.44 20.37
N VAL C 97 -9.29 24.89 19.54
CA VAL C 97 -9.62 24.23 18.25
C VAL C 97 -10.10 22.81 18.51
N SER C 98 -11.32 22.48 18.04
CA SER C 98 -11.95 21.15 18.16
C SER C 98 -11.39 20.23 17.06
N LEU C 99 -10.58 19.25 17.45
CA LEU C 99 -9.96 18.26 16.56
C LEU C 99 -11.01 17.24 16.11
N ALA C 100 -11.97 16.90 16.98
CA ALA C 100 -13.10 15.97 16.70
C ALA C 100 -13.90 16.48 15.51
N GLN C 101 -14.21 17.77 15.49
CA GLN C 101 -14.97 18.46 14.40
C GLN C 101 -14.14 18.46 13.11
N LEU C 102 -12.85 18.79 13.18
CA LEU C 102 -11.94 18.85 12.00
C LEU C 102 -11.81 17.45 11.38
N TYR C 103 -11.53 16.42 12.19
CA TYR C 103 -11.42 15.01 11.74
C TYR C 103 -12.71 14.61 11.00
N SER C 104 -13.87 14.92 11.60
CA SER C 104 -15.21 14.68 10.99
C SER C 104 -15.28 15.31 9.61
N HIS C 105 -14.89 16.58 9.50
CA HIS C 105 -15.01 17.40 8.26
C HIS C 105 -14.11 16.81 7.16
N TRP C 106 -12.85 16.51 7.48
CA TRP C 106 -11.85 15.95 6.54
C TRP C 106 -12.31 14.58 6.06
N ALA C 107 -12.78 13.73 6.97
CA ALA C 107 -13.29 12.35 6.68
C ALA C 107 -14.49 12.42 5.73
N SER C 108 -15.32 13.47 5.84
CA SER C 108 -16.56 13.67 5.05
C SER C 108 -16.22 13.98 3.58
N VAL C 109 -15.08 14.62 3.31
CA VAL C 109 -14.68 15.09 1.95
C VAL C 109 -13.52 14.26 1.39
N ASP C 110 -12.96 13.32 2.17
CA ASP C 110 -11.71 12.58 1.81
C ASP C 110 -11.79 11.15 2.37
N SER C 111 -12.12 10.18 1.51
CA SER C 111 -12.25 8.74 1.84
C SER C 111 -10.91 8.21 2.38
N HIS C 112 -9.79 8.65 1.80
CA HIS C 112 -8.43 8.16 2.16
C HIS C 112 -8.14 8.56 3.62
N PHE C 113 -8.36 9.84 3.95
CA PHE C 113 -8.18 10.39 5.31
C PHE C 113 -8.95 9.55 6.31
N GLN C 114 -10.23 9.25 6.00
CA GLN C 114 -11.17 8.52 6.88
C GLN C 114 -10.57 7.16 7.28
N ARG C 115 -9.99 6.42 6.33
CA ARG C 115 -9.35 5.09 6.56
C ARG C 115 -8.12 5.22 7.47
N VAL C 116 -7.28 6.23 7.23
CA VAL C 116 -5.92 6.38 7.83
C VAL C 116 -6.00 7.01 9.23
N ALA C 117 -6.93 7.94 9.46
CA ALA C 117 -6.97 8.80 10.67
C ALA C 117 -7.55 8.06 11.89
N GLN C 118 -8.13 6.87 11.69
CA GLN C 118 -8.78 6.07 12.77
C GLN C 118 -7.78 5.81 13.91
N LYS C 119 -6.60 5.28 13.59
CA LYS C 119 -5.56 4.87 14.58
C LYS C 119 -4.74 6.09 15.05
N PHE C 120 -4.87 7.25 14.39
CA PHE C 120 -4.00 8.44 14.62
C PHE C 120 -4.86 9.66 14.96
N GLN C 121 -5.57 9.59 16.09
CA GLN C 121 -6.36 10.70 16.68
C GLN C 121 -5.45 11.54 17.61
N GLY C 122 -5.83 12.79 17.86
CA GLY C 122 -5.13 13.70 18.79
C GLY C 122 -3.86 14.29 18.20
N VAL C 123 -3.72 14.24 16.86
CA VAL C 123 -2.63 14.93 16.12
C VAL C 123 -3.11 16.35 15.83
N ARG C 124 -2.50 17.32 16.51
CA ARG C 124 -2.76 18.76 16.35
C ARG C 124 -1.42 19.47 16.19
N LEU C 125 -1.46 20.75 15.85
CA LEU C 125 -0.28 21.62 15.67
C LEU C 125 -0.01 22.38 16.97
N LEU C 126 1.23 22.31 17.47
CA LEU C 126 1.72 23.19 18.55
C LEU C 126 1.75 24.62 18.01
N ARG C 127 1.50 25.61 18.87
CA ARG C 127 1.71 27.04 18.59
C ARG C 127 3.06 27.44 19.17
N GLN C 128 4.08 27.49 18.32
CA GLN C 128 5.50 27.66 18.74
C GLN C 128 5.86 29.14 18.71
N ASP C 129 6.82 29.53 19.55
CA ASP C 129 7.51 30.85 19.48
C ASP C 129 8.11 31.00 18.09
N PRO C 130 7.77 32.09 17.34
CA PRO C 130 8.31 32.28 16.00
C PRO C 130 9.85 32.22 15.90
N THR C 131 10.57 32.88 16.81
CA THR C 131 12.05 32.93 16.82
C THR C 131 12.59 31.49 16.86
N GLU C 132 12.15 30.71 17.84
CA GLU C 132 12.61 29.30 18.06
C GLU C 132 12.30 28.48 16.81
N CYS C 133 11.11 28.64 16.27
CA CYS C 133 10.61 27.85 15.11
C CYS C 133 11.45 28.17 13.86
N LEU C 134 11.66 29.46 13.59
CA LEU C 134 12.43 29.95 12.42
C LEU C 134 13.84 29.35 12.45
N PHE C 135 14.59 29.57 13.52
CA PHE C 135 16.03 29.18 13.61
C PHE C 135 16.16 27.67 13.75
N SER C 136 15.17 27.00 14.34
CA SER C 136 15.10 25.52 14.37
C SER C 136 15.04 24.98 12.95
N PHE C 137 14.16 25.52 12.11
CA PHE C 137 13.88 24.97 10.75
C PHE C 137 14.91 25.49 9.74
N ILE C 138 15.57 26.63 9.98
CA ILE C 138 16.75 27.09 9.18
C ILE C 138 17.90 26.10 9.43
N CYS C 139 18.00 25.56 10.65
CA CYS C 139 19.15 24.75 11.15
C CYS C 139 19.12 23.33 10.56
N SER C 140 18.01 22.94 9.93
CA SER C 140 17.76 21.58 9.40
C SER C 140 18.30 21.48 7.96
N SER C 141 19.09 20.43 7.70
CA SER C 141 19.30 19.85 6.34
C SER C 141 17.96 19.27 5.86
N ASN C 142 16.96 19.24 6.74
CA ASN C 142 15.58 18.73 6.50
C ASN C 142 15.68 17.29 6.00
N ASN C 143 16.39 16.44 6.76
CA ASN C 143 16.31 14.97 6.61
C ASN C 143 15.71 14.39 7.90
N ASN C 144 16.43 14.40 9.05
CA ASN C 144 16.02 13.60 10.24
C ASN C 144 15.91 14.40 11.56
N ILE C 145 14.94 13.92 12.35
CA ILE C 145 14.49 14.53 13.64
C ILE C 145 15.68 14.53 14.61
N ALA C 146 16.42 13.41 14.67
CA ALA C 146 17.48 13.13 15.67
C ALA C 146 18.59 14.17 15.54
N ARG C 147 19.04 14.49 14.33
CA ARG C 147 20.20 15.39 14.07
C ARG C 147 19.86 16.83 14.46
N ILE C 148 18.64 17.29 14.11
CA ILE C 148 18.15 18.67 14.42
C ILE C 148 18.03 18.81 15.94
N THR C 149 17.44 17.81 16.60
CA THR C 149 17.24 17.75 18.07
C THR C 149 18.61 18.01 18.75
N GLY C 150 19.67 17.37 18.24
CA GLY C 150 21.06 17.55 18.71
C GLY C 150 21.55 18.97 18.51
N MET C 151 21.44 19.50 17.28
CA MET C 151 21.90 20.87 16.92
C MET C 151 21.20 21.89 17.82
N VAL C 152 19.89 21.79 17.98
CA VAL C 152 19.05 22.74 18.76
C VAL C 152 19.48 22.67 20.24
N GLU C 153 19.68 21.46 20.77
CA GLU C 153 20.09 21.26 22.19
C GLU C 153 21.43 21.97 22.42
N ARG C 154 22.42 21.68 21.58
CA ARG C 154 23.80 22.23 21.70
C ARG C 154 23.75 23.76 21.51
N LEU C 155 22.97 24.23 20.53
CA LEU C 155 22.74 25.68 20.25
C LEU C 155 22.22 26.37 21.52
N CYS C 156 21.29 25.75 22.24
CA CYS C 156 20.63 26.33 23.43
C CYS C 156 21.62 26.36 24.62
N GLN C 157 22.43 25.31 24.79
CA GLN C 157 23.46 25.23 25.88
C GLN C 157 24.52 26.32 25.67
N ALA C 158 24.90 26.56 24.41
CA ALA C 158 25.97 27.49 24.01
C ALA C 158 25.51 28.95 24.15
N PHE C 159 24.28 29.27 23.76
CA PHE C 159 23.79 30.67 23.56
C PHE C 159 22.60 31.03 24.44
N GLY C 160 21.91 30.03 25.01
CA GLY C 160 20.69 30.26 25.81
C GLY C 160 20.97 30.25 27.31
N PRO C 161 20.15 30.96 28.12
CA PRO C 161 20.32 30.96 29.57
C PRO C 161 20.06 29.57 30.20
N ARG C 162 20.94 29.16 31.12
CA ARG C 162 20.74 27.95 31.97
C ARG C 162 19.49 28.17 32.82
N LEU C 163 18.57 27.20 32.84
CA LEU C 163 17.30 27.30 33.58
C LEU C 163 17.39 26.45 34.85
N ILE C 164 17.70 25.16 34.71
CA ILE C 164 17.63 24.16 35.82
C ILE C 164 18.27 22.87 35.33
N GLN C 165 18.68 22.00 36.27
CA GLN C 165 19.14 20.62 35.98
C GLN C 165 18.18 19.63 36.67
N LEU C 166 17.67 18.66 35.90
CA LEU C 166 16.87 17.52 36.39
C LEU C 166 17.58 16.23 35.98
N ASP C 167 17.92 15.37 36.95
CA ASP C 167 18.78 14.18 36.74
C ASP C 167 20.06 14.67 36.05
N ASP C 168 20.50 14.05 34.94
CA ASP C 168 21.73 14.48 34.22
C ASP C 168 21.37 15.35 33.01
N VAL C 169 20.21 16.00 33.01
CA VAL C 169 19.72 16.85 31.88
C VAL C 169 19.75 18.33 32.32
N THR C 170 20.57 19.15 31.67
CA THR C 170 20.67 20.61 31.90
C THR C 170 19.82 21.33 30.85
N TYR C 171 18.78 22.04 31.28
CA TYR C 171 17.78 22.72 30.42
C TYR C 171 18.17 24.18 30.24
N HIS C 172 18.27 24.61 28.98
CA HIS C 172 18.53 26.01 28.55
C HIS C 172 17.33 26.53 27.76
N GLY C 173 16.98 27.80 27.96
CA GLY C 173 16.01 28.52 27.12
C GLY C 173 16.57 28.77 25.73
N PHE C 174 15.71 29.04 24.74
CA PHE C 174 16.15 29.33 23.33
C PHE C 174 16.85 30.68 23.33
N PRO C 175 17.96 30.85 22.57
CA PRO C 175 18.65 32.14 22.50
C PRO C 175 17.75 33.26 21.97
N ASN C 176 18.00 34.49 22.41
CA ASN C 176 17.41 35.72 21.82
C ASN C 176 18.17 36.05 20.53
N LEU C 177 17.61 36.92 19.71
CA LEU C 177 18.16 37.27 18.37
C LEU C 177 19.57 37.85 18.53
N HIS C 178 19.78 38.71 19.53
CA HIS C 178 21.09 39.40 19.80
C HIS C 178 22.22 38.37 19.87
N ALA C 179 22.01 37.25 20.56
CA ALA C 179 22.99 36.16 20.77
C ALA C 179 23.35 35.49 19.44
N LEU C 180 22.37 35.32 18.55
CA LEU C 180 22.53 34.59 17.25
C LEU C 180 23.09 35.54 16.18
N ALA C 181 23.03 36.85 16.41
CA ALA C 181 23.41 37.91 15.45
C ALA C 181 24.86 38.36 15.66
N GLY C 182 25.50 37.95 16.76
CA GLY C 182 26.82 38.42 17.20
C GLY C 182 27.94 38.06 16.24
N PRO C 183 29.13 38.70 16.37
CA PRO C 183 30.27 38.40 15.50
C PRO C 183 30.82 36.97 15.62
N GLU C 184 30.69 36.36 16.80
CA GLU C 184 31.19 35.00 17.12
C GLU C 184 30.19 33.95 16.61
N ALA C 185 28.91 34.33 16.47
CA ALA C 185 27.75 33.41 16.25
C ALA C 185 28.06 32.39 15.15
N GLU C 186 28.56 32.86 13.99
CA GLU C 186 28.76 32.00 12.80
C GLU C 186 29.89 31.00 13.08
N THR C 187 31.04 31.47 13.59
CA THR C 187 32.21 30.62 13.94
C THR C 187 31.74 29.50 14.87
N HIS C 188 31.10 29.87 15.99
CA HIS C 188 30.56 28.93 17.02
C HIS C 188 29.64 27.89 16.36
N LEU C 189 28.62 28.35 15.63
CA LEU C 189 27.57 27.50 15.00
C LEU C 189 28.22 26.52 14.01
N ARG C 190 29.29 26.94 13.33
CA ARG C 190 30.04 26.10 12.35
C ARG C 190 30.69 24.92 13.07
N LYS C 191 31.25 25.17 14.26
CA LYS C 191 31.85 24.13 15.15
C LYS C 191 30.77 23.12 15.55
N LEU C 192 29.55 23.60 15.82
CA LEU C 192 28.39 22.77 16.24
C LEU C 192 27.82 21.98 15.05
N GLY C 193 28.40 22.14 13.85
CA GLY C 193 28.20 21.25 12.68
C GLY C 193 27.10 21.73 11.74
N LEU C 194 26.76 23.03 11.77
CA LEU C 194 25.67 23.62 10.94
C LEU C 194 26.13 23.76 9.48
N GLY C 195 27.45 23.81 9.24
CA GLY C 195 28.04 24.09 7.93
C GLY C 195 27.67 25.48 7.44
N TYR C 196 27.29 25.60 6.16
CA TYR C 196 27.01 26.91 5.51
C TYR C 196 25.74 27.53 6.10
N ARG C 197 24.87 26.71 6.69
CA ARG C 197 23.58 27.13 7.31
C ARG C 197 23.84 28.06 8.50
N ALA C 198 25.01 27.95 9.13
CA ALA C 198 25.47 28.83 10.23
C ALA C 198 25.42 30.31 9.80
N ARG C 199 25.76 30.60 8.55
CA ARG C 199 25.77 31.99 8.00
C ARG C 199 24.32 32.48 7.87
N TYR C 200 23.41 31.65 7.37
CA TYR C 200 21.97 32.01 7.17
C TYR C 200 21.31 32.27 8.53
N VAL C 201 21.71 31.54 9.58
CA VAL C 201 21.23 31.74 10.98
C VAL C 201 21.65 33.14 11.47
N ARG C 202 22.93 33.48 11.40
CA ARG C 202 23.46 34.81 11.83
C ARG C 202 22.80 35.91 10.98
N ALA C 203 22.81 35.76 9.66
CA ALA C 203 22.29 36.73 8.67
C ALA C 203 20.80 36.99 8.92
N SER C 204 20.00 35.93 9.13
CA SER C 204 18.53 36.05 9.36
C SER C 204 18.28 36.76 10.70
N ALA C 205 19.08 36.48 11.73
CA ALA C 205 18.99 37.13 13.06
C ALA C 205 19.27 38.63 12.91
N LYS C 206 20.37 38.99 12.25
CA LYS C 206 20.71 40.41 11.94
C LYS C 206 19.56 41.07 11.17
N ALA C 207 19.07 40.40 10.13
CA ALA C 207 17.99 40.90 9.24
C ALA C 207 16.73 41.21 10.06
N ILE C 208 16.30 40.30 10.93
CA ILE C 208 15.06 40.46 11.74
C ILE C 208 15.24 41.62 12.72
N LEU C 209 16.42 41.76 13.35
CA LEU C 209 16.72 42.84 14.33
C LEU C 209 16.68 44.20 13.63
N GLU C 210 17.44 44.39 12.54
CA GLU C 210 17.37 45.54 11.61
C GLU C 210 15.93 45.98 11.29
N GLU C 211 15.01 45.04 11.03
CA GLU C 211 13.60 45.33 10.63
C GLU C 211 12.70 45.59 11.86
N GLN C 212 12.56 46.86 12.24
CA GLN C 212 11.77 47.30 13.42
C GLN C 212 12.32 46.59 14.67
N GLY C 213 11.45 46.17 15.59
CA GLY C 213 11.79 45.31 16.74
C GLY C 213 11.89 43.87 16.30
N GLY C 214 13.00 43.18 16.64
CA GLY C 214 13.27 41.78 16.25
C GLY C 214 12.02 40.91 16.36
N PRO C 215 11.63 40.49 17.59
CA PRO C 215 10.48 39.62 17.79
C PRO C 215 9.17 40.25 17.31
N ALA C 216 9.07 41.58 17.38
CA ALA C 216 7.84 42.35 17.05
C ALA C 216 7.52 42.21 15.55
N TRP C 217 8.53 41.99 14.69
CA TRP C 217 8.32 41.80 13.24
C TRP C 217 7.64 40.45 13.01
N LEU C 218 8.17 39.40 13.65
CA LEU C 218 7.64 38.01 13.54
C LEU C 218 6.23 37.99 14.14
N GLN C 219 5.97 38.80 15.17
CA GLN C 219 4.64 38.93 15.81
C GLN C 219 3.66 39.62 14.85
N GLN C 220 4.12 40.61 14.07
CA GLN C 220 3.31 41.30 13.02
C GLN C 220 2.85 40.27 11.98
N LEU C 221 3.73 39.34 11.59
CA LEU C 221 3.46 38.31 10.56
C LEU C 221 2.41 37.31 11.08
N ARG C 222 2.34 37.12 12.40
CA ARG C 222 1.32 36.27 13.07
C ARG C 222 -0.08 36.85 12.82
N VAL C 223 -0.21 38.17 12.77
CA VAL C 223 -1.50 38.90 12.58
C VAL C 223 -1.76 39.11 11.07
N ALA C 224 -0.69 39.31 10.29
CA ALA C 224 -0.75 39.52 8.82
C ALA C 224 -1.37 38.31 8.13
N PRO C 225 -1.97 38.47 6.92
CA PRO C 225 -2.51 37.34 6.18
C PRO C 225 -1.42 36.33 5.76
N TYR C 226 -1.79 35.06 5.60
CA TYR C 226 -0.91 33.94 5.21
C TYR C 226 0.05 34.37 4.09
N GLU C 227 -0.50 34.89 2.98
CA GLU C 227 0.25 35.22 1.74
C GLU C 227 1.34 36.25 2.03
N GLU C 228 1.03 37.29 2.81
CA GLU C 228 1.97 38.39 3.16
C GLU C 228 3.09 37.83 4.05
N ALA C 229 2.72 37.03 5.06
CA ALA C 229 3.66 36.41 6.02
C ALA C 229 4.63 35.50 5.28
N HIS C 230 4.12 34.67 4.36
CA HIS C 230 4.93 33.69 3.58
C HIS C 230 5.97 34.43 2.74
N LYS C 231 5.53 35.43 1.98
CA LYS C 231 6.40 36.25 1.10
C LYS C 231 7.49 36.92 1.95
N ALA C 232 7.12 37.43 3.12
CA ALA C 232 8.01 38.20 4.03
C ALA C 232 9.10 37.28 4.58
N LEU C 233 8.73 36.06 5.00
CA LEU C 233 9.70 35.04 5.50
C LEU C 233 10.67 34.67 4.37
N CYS C 234 10.20 34.58 3.13
CA CYS C 234 11.01 34.14 1.96
C CYS C 234 12.09 35.17 1.61
N THR C 235 12.00 36.41 2.14
CA THR C 235 13.04 37.46 1.94
C THR C 235 14.22 37.24 2.88
N LEU C 236 14.12 36.29 3.82
CA LEU C 236 15.19 36.03 4.84
C LEU C 236 16.22 35.06 4.26
N PRO C 237 17.52 35.27 4.56
CA PRO C 237 18.56 34.31 4.17
C PRO C 237 18.27 32.89 4.67
N GLY C 238 18.27 31.92 3.75
CA GLY C 238 18.11 30.49 4.07
C GLY C 238 16.64 30.07 4.17
N VAL C 239 15.69 30.98 3.97
CA VAL C 239 14.23 30.68 4.07
C VAL C 239 13.62 30.68 2.66
N GLY C 240 13.27 29.49 2.16
CA GLY C 240 12.46 29.27 0.94
C GLY C 240 11.03 28.86 1.29
N ALA C 241 10.26 28.49 0.27
CA ALA C 241 8.80 28.26 0.35
C ALA C 241 8.47 27.18 1.41
N LYS C 242 9.27 26.10 1.47
CA LYS C 242 9.01 24.95 2.38
C LYS C 242 9.16 25.42 3.83
N VAL C 243 10.28 26.04 4.17
CA VAL C 243 10.57 26.51 5.56
C VAL C 243 9.57 27.61 5.96
N ALA C 244 9.25 28.53 5.04
CA ALA C 244 8.28 29.63 5.28
C ALA C 244 6.90 29.03 5.60
N ASP C 245 6.53 27.91 4.96
CA ASP C 245 5.22 27.25 5.16
C ASP C 245 5.21 26.53 6.51
N CYS C 246 6.34 25.92 6.89
CA CYS C 246 6.50 25.26 8.22
C CYS C 246 6.26 26.32 9.31
N ILE C 247 6.93 27.45 9.22
CA ILE C 247 6.86 28.55 10.24
C ILE C 247 5.43 29.11 10.27
N CYS C 248 4.84 29.39 9.11
CA CYS C 248 3.44 29.88 8.96
C CYS C 248 2.48 28.96 9.73
N LEU C 249 2.58 27.65 9.49
CA LEU C 249 1.67 26.63 10.07
C LEU C 249 1.93 26.47 11.58
N MET C 250 3.19 26.48 12.01
CA MET C 250 3.61 26.03 13.36
C MET C 250 3.76 27.20 14.35
N ALA C 251 3.89 28.45 13.86
CA ALA C 251 4.22 29.61 14.73
C ALA C 251 3.40 30.87 14.38
N LEU C 252 2.93 31.03 13.13
CA LEU C 252 2.26 32.29 12.69
C LEU C 252 0.75 32.07 12.49
N ASP C 253 0.16 31.04 13.10
CA ASP C 253 -1.30 30.81 13.15
C ASP C 253 -1.90 30.83 11.73
N LYS C 254 -1.26 30.14 10.79
CA LYS C 254 -1.76 29.95 9.39
C LYS C 254 -2.09 28.48 9.21
N PRO C 255 -3.27 28.00 9.69
CA PRO C 255 -3.60 26.58 9.61
C PRO C 255 -3.73 26.02 8.19
N GLN C 256 -3.81 26.89 7.18
CA GLN C 256 -4.01 26.51 5.75
C GLN C 256 -2.64 26.29 5.06
N ALA C 257 -1.53 26.66 5.71
CA ALA C 257 -0.17 26.48 5.16
C ALA C 257 0.12 24.99 5.01
N VAL C 258 0.55 24.56 3.82
CA VAL C 258 0.87 23.14 3.48
C VAL C 258 2.32 23.09 3.01
N PRO C 259 3.30 22.81 3.90
CA PRO C 259 4.70 22.69 3.48
C PRO C 259 4.83 21.53 2.49
N VAL C 260 5.37 21.78 1.29
CA VAL C 260 5.48 20.77 0.20
C VAL C 260 6.94 20.42 -0.04
N ASP C 261 7.23 19.12 -0.12
CA ASP C 261 8.55 18.56 -0.52
C ASP C 261 8.31 17.14 -1.07
N VAL C 262 9.39 16.40 -1.35
CA VAL C 262 9.34 15.06 -1.97
C VAL C 262 8.39 14.14 -1.18
N HIS C 263 8.31 14.31 0.15
CA HIS C 263 7.49 13.46 1.05
C HIS C 263 5.99 13.67 0.79
N VAL C 264 5.58 14.92 0.55
CA VAL C 264 4.16 15.30 0.30
C VAL C 264 3.79 14.92 -1.14
N TRP C 265 4.74 15.10 -2.07
CA TRP C 265 4.64 14.68 -3.49
C TRP C 265 4.30 13.18 -3.57
N GLN C 266 5.01 12.37 -2.77
CA GLN C 266 4.87 10.89 -2.72
C GLN C 266 3.45 10.52 -2.28
N ILE C 267 2.99 11.08 -1.16
CA ILE C 267 1.61 10.86 -0.60
C ILE C 267 0.59 11.29 -1.67
N ALA C 268 0.69 12.54 -2.15
CA ALA C 268 -0.24 13.15 -3.13
C ALA C 268 -0.40 12.24 -4.35
N HIS C 269 0.71 11.82 -4.94
CA HIS C 269 0.75 10.98 -6.15
C HIS C 269 0.20 9.58 -5.86
N ARG C 270 0.68 8.92 -4.82
CA ARG C 270 0.31 7.51 -4.51
C ARG C 270 -1.15 7.44 -4.02
N ASP C 271 -1.51 8.28 -3.06
CA ASP C 271 -2.77 8.14 -2.26
C ASP C 271 -3.91 8.97 -2.86
N TYR C 272 -3.62 9.98 -3.69
CA TYR C 272 -4.63 10.89 -4.27
C TYR C 272 -4.58 10.91 -5.80
N GLY C 273 -3.61 10.22 -6.42
CA GLY C 273 -3.45 10.16 -7.88
C GLY C 273 -3.17 11.53 -8.50
N TRP C 274 -2.58 12.44 -7.74
CA TRP C 274 -2.29 13.83 -8.19
C TRP C 274 -1.02 13.89 -9.04
N HIS C 275 -1.10 14.55 -10.18
CA HIS C 275 0.03 15.03 -11.01
C HIS C 275 -0.17 16.53 -11.19
N PRO C 276 0.89 17.34 -11.44
CA PRO C 276 0.70 18.75 -11.72
C PRO C 276 -0.11 18.92 -13.01
N LYS C 277 -1.08 19.84 -13.02
CA LYS C 277 -1.83 20.27 -14.24
C LYS C 277 -1.08 21.41 -14.94
N THR C 278 0.22 21.59 -14.68
CA THR C 278 1.09 22.64 -15.28
C THR C 278 2.56 22.23 -15.18
N GLY C 283 7.76 16.23 -12.04
CA GLY C 283 8.65 16.27 -10.86
C GLY C 283 8.59 17.62 -10.15
N PRO C 284 9.08 17.72 -8.89
CA PRO C 284 8.99 18.97 -8.12
C PRO C 284 9.62 20.21 -8.78
N SER C 285 8.81 21.27 -8.89
CA SER C 285 9.21 22.64 -9.29
C SER C 285 8.61 23.64 -8.30
N PRO C 286 9.04 24.92 -8.28
CA PRO C 286 8.41 25.91 -7.39
C PRO C 286 6.91 26.05 -7.67
N LEU C 287 6.52 26.07 -8.95
CA LEU C 287 5.14 26.33 -9.41
C LEU C 287 4.26 25.10 -9.12
N ALA C 288 4.79 23.89 -9.34
CA ALA C 288 4.08 22.62 -9.08
C ALA C 288 3.90 22.42 -7.57
N ASN C 289 4.89 22.79 -6.77
CA ASN C 289 4.83 22.73 -5.28
C ASN C 289 3.67 23.62 -4.80
N LYS C 290 3.59 24.85 -5.30
CA LYS C 290 2.49 25.80 -4.95
C LYS C 290 1.15 25.17 -5.37
N GLU C 291 1.12 24.54 -6.55
CA GLU C 291 -0.10 23.90 -7.10
C GLU C 291 -0.56 22.80 -6.15
N LEU C 292 0.38 21.99 -5.61
CA LEU C 292 0.07 20.85 -4.72
C LEU C 292 -0.46 21.38 -3.37
N GLY C 293 0.12 22.48 -2.87
CA GLY C 293 -0.39 23.19 -1.69
C GLY C 293 -1.84 23.62 -1.89
N ASN C 294 -2.14 24.19 -3.06
CA ASN C 294 -3.50 24.69 -3.42
C ASN C 294 -4.47 23.50 -3.46
N PHE C 295 -4.04 22.38 -4.04
CA PHE C 295 -4.84 21.13 -4.16
C PHE C 295 -5.36 20.71 -2.77
N PHE C 296 -4.48 20.71 -1.77
CA PHE C 296 -4.79 20.21 -0.39
C PHE C 296 -5.66 21.25 0.35
N ARG C 297 -5.46 22.55 0.09
CA ARG C 297 -6.34 23.62 0.64
C ARG C 297 -7.74 23.45 0.05
N ASN C 298 -7.85 23.20 -1.26
CA ASN C 298 -9.13 22.98 -1.96
C ASN C 298 -9.84 21.76 -1.35
N LEU C 299 -9.10 20.69 -1.07
CA LEU C 299 -9.68 19.39 -0.63
C LEU C 299 -10.13 19.48 0.84
N TRP C 300 -9.27 19.98 1.74
CA TRP C 300 -9.44 19.89 3.21
C TRP C 300 -10.00 21.18 3.80
N GLY C 301 -9.76 22.32 3.16
CA GLY C 301 -10.27 23.62 3.62
C GLY C 301 -9.22 24.40 4.40
N PRO C 302 -9.63 25.30 5.33
CA PRO C 302 -8.71 26.29 5.91
C PRO C 302 -7.77 25.74 7.01
N TYR C 303 -7.92 24.46 7.39
CA TYR C 303 -7.01 23.76 8.33
C TYR C 303 -6.27 22.63 7.58
N ALA C 304 -5.91 22.86 6.31
CA ALA C 304 -5.23 21.88 5.42
C ALA C 304 -3.92 21.40 6.04
N GLY C 305 -3.10 22.31 6.55
CA GLY C 305 -1.84 22.01 7.26
C GLY C 305 -2.03 21.01 8.38
N TRP C 306 -3.15 21.12 9.12
CA TRP C 306 -3.44 20.25 10.30
C TRP C 306 -3.79 18.85 9.80
N ALA C 307 -4.56 18.74 8.71
CA ALA C 307 -4.93 17.46 8.06
C ALA C 307 -3.64 16.78 7.56
N GLN C 308 -2.72 17.55 6.97
CA GLN C 308 -1.40 17.07 6.47
C GLN C 308 -0.65 16.40 7.62
N ALA C 309 -0.59 17.06 8.77
CA ALA C 309 0.12 16.59 9.98
C ALA C 309 -0.39 15.20 10.37
N VAL C 310 -1.70 14.97 10.25
CA VAL C 310 -2.35 13.66 10.56
C VAL C 310 -1.83 12.61 9.58
N LEU C 311 -1.72 12.94 8.29
CA LEU C 311 -1.24 11.99 7.25
C LEU C 311 0.25 11.66 7.47
N PHE C 312 1.07 12.66 7.82
CA PHE C 312 2.52 12.47 8.15
C PHE C 312 2.66 11.52 9.34
N SER C 313 1.92 11.78 10.42
CA SER C 313 1.92 10.98 11.66
C SER C 313 1.50 9.54 11.36
N ALA C 314 0.55 9.35 10.44
CA ALA C 314 0.01 8.04 10.04
C ALA C 314 0.95 7.32 9.07
N ASP C 315 1.73 8.06 8.29
CA ASP C 315 2.70 7.50 7.30
C ASP C 315 3.93 6.98 8.07
N LEU C 316 4.40 7.73 9.08
CA LEU C 316 5.68 7.45 9.79
C LEU C 316 5.48 6.34 10.85
N ARG C 317 4.39 6.42 11.62
CA ARG C 317 3.93 5.38 12.60
C ARG C 317 4.98 5.21 13.71
#